data_4YWU
#
_entry.id   4YWU
#
_cell.length_a   134.965
_cell.length_b   134.965
_cell.length_c   172.551
_cell.angle_alpha   90.00
_cell.angle_beta   90.00
_cell.angle_gamma   90.00
#
_symmetry.space_group_name_H-M   'P 43 21 2'
#
loop_
_entity.id
_entity.type
_entity.pdbx_description
1 polymer 'Succinic semialdehyde dehydrogenase'
2 non-polymer '4-oxobutanoic acid'
3 non-polymer 'SULFATE ION'
4 water water
#
_entity_poly.entity_id   1
_entity_poly.type   'polypeptide(L)'
_entity_poly.pdbx_seq_one_letter_code
;MAYQTIYPYTNEVLHTFDNMTDQGLADVLERAHLLYKKWRKEDHLEERKAQLHQVANILRRDRDKYAEIMTKDMGKLFTE
AQGEVDLCADIADYYADKADEFLMSTPLETDSGQAYYLKQSTGVILAVEPWNFPYYQIMRVFAPNFIVGNPMVLKHASIC
PRSAQSFEELVLEAGAEAGSITNLFISYDQVSQVIADKRVVGVCLTGSERGGASIAEEAGKNLKKTTLELGGDDAFIILD
DADWDQLEKVLYFSRLYNAGQVCTSSKRFIVLDKDYDRFKELLTKVFKTAKWGDPMDPETTLAPLSSAQAKADVLDQIKL
ALDHGAELVYGGEAIDHPGHFVMPTIIAGLTKDNPIYYQEIFGPVGEIYKVSSEEEAIEVANDSNYGLGGTIFSSNQEHA
KAVAAKIETGMSFINSGWTSLPELPFGGIKHSGYGRELSELGFTSFVNEHLIYIPNKTNNSNTKV
;
_entity_poly.pdbx_strand_id   A,B
#
loop_
_chem_comp.id
_chem_comp.type
_chem_comp.name
_chem_comp.formula
SO4 non-polymer 'SULFATE ION' 'O4 S -2'
SSN non-polymer '4-oxobutanoic acid' 'C4 H6 O3'
#
# COMPACT_ATOMS: atom_id res chain seq x y z
N ALA A 2 18.83 -18.01 17.31
CA ALA A 2 19.77 -18.83 16.49
C ALA A 2 19.02 -19.59 15.41
N TYR A 3 19.63 -19.74 14.25
CA TYR A 3 19.01 -20.46 13.15
C TYR A 3 19.40 -21.93 13.24
N GLN A 4 18.46 -22.77 13.64
CA GLN A 4 18.68 -24.19 13.79
C GLN A 4 17.57 -25.05 13.22
N THR A 5 17.94 -26.21 12.72
CA THR A 5 16.98 -27.17 12.20
C THR A 5 16.82 -28.24 13.26
N ILE A 6 15.65 -28.27 13.91
CA ILE A 6 15.37 -29.25 14.94
C ILE A 6 14.13 -30.07 14.59
N TYR A 7 14.35 -31.25 14.04
CA TYR A 7 13.25 -32.13 13.63
C TYR A 7 12.17 -32.23 14.69
N PRO A 8 11.01 -31.66 14.41
CA PRO A 8 9.86 -31.72 15.33
C PRO A 8 9.41 -33.12 15.76
N TYR A 9 9.71 -34.12 14.95
CA TYR A 9 9.32 -35.47 15.28
C TYR A 9 10.21 -36.07 16.37
N THR A 10 11.52 -35.87 16.25
CA THR A 10 12.45 -36.42 17.22
C THR A 10 12.97 -35.38 18.19
N ASN A 11 12.85 -34.11 17.81
CA ASN A 11 13.32 -32.99 18.61
C ASN A 11 14.84 -32.97 18.67
N GLU A 12 15.46 -33.51 17.61
CA GLU A 12 16.91 -33.55 17.52
C GLU A 12 17.44 -32.44 16.61
N VAL A 13 18.58 -31.85 17.00
CA VAL A 13 19.21 -30.79 16.22
C VAL A 13 19.95 -31.41 15.04
N LEU A 14 19.53 -31.06 13.83
CA LEU A 14 20.15 -31.60 12.63
C LEU A 14 21.08 -30.61 11.94
N HIS A 15 20.79 -29.32 12.09
CA HIS A 15 21.62 -28.28 11.47
C HIS A 15 21.70 -27.04 12.33
N THR A 16 22.83 -26.34 12.28
CA THR A 16 22.99 -25.10 13.03
C THR A 16 23.74 -24.13 12.12
N PHE A 17 23.03 -23.13 11.61
CA PHE A 17 23.64 -22.18 10.70
C PHE A 17 24.18 -20.94 11.39
N ASP A 18 25.19 -20.34 10.79
CA ASP A 18 25.82 -19.14 11.31
C ASP A 18 25.12 -17.88 10.85
N ASN A 19 24.91 -16.96 11.78
CA ASN A 19 24.28 -15.69 11.47
C ASN A 19 25.16 -14.88 10.53
N MET A 20 24.52 -14.08 9.70
CA MET A 20 25.22 -13.25 8.74
C MET A 20 25.90 -12.08 9.45
N THR A 21 27.15 -11.80 9.07
CA THR A 21 27.92 -10.71 9.66
C THR A 21 27.49 -9.37 9.09
N ASP A 22 27.85 -8.28 9.77
CA ASP A 22 27.48 -6.95 9.30
C ASP A 22 28.04 -6.65 7.93
N GLN A 23 29.30 -7.00 7.69
CA GLN A 23 29.91 -6.75 6.40
C GLN A 23 29.24 -7.59 5.33
N GLY A 24 28.90 -8.83 5.68
CA GLY A 24 28.25 -9.71 4.74
C GLY A 24 26.92 -9.10 4.34
N LEU A 25 26.21 -8.53 5.31
CA LEU A 25 24.93 -7.91 5.04
C LEU A 25 25.13 -6.72 4.11
N ALA A 26 26.16 -5.92 4.41
CA ALA A 26 26.48 -4.76 3.60
C ALA A 26 26.75 -5.18 2.15
N ASP A 27 27.56 -6.22 1.98
CA ASP A 27 27.88 -6.69 0.63
C ASP A 27 26.65 -7.18 -0.12
N VAL A 28 25.77 -7.90 0.57
CA VAL A 28 24.55 -8.43 -0.05
C VAL A 28 23.67 -7.33 -0.62
N LEU A 29 23.42 -6.30 0.18
CA LEU A 29 22.59 -5.19 -0.27
C LEU A 29 23.20 -4.44 -1.45
N GLU A 30 24.51 -4.26 -1.44
CA GLU A 30 25.15 -3.56 -2.54
C GLU A 30 25.07 -4.37 -3.83
N ARG A 31 25.11 -5.70 -3.70
CA ARG A 31 25.03 -6.59 -4.86
C ARG A 31 23.62 -6.54 -5.42
N ALA A 32 22.64 -6.53 -4.51
CA ALA A 32 21.24 -6.46 -4.89
C ALA A 32 20.95 -5.11 -5.54
N HIS A 33 21.50 -4.04 -4.96
CA HIS A 33 21.28 -2.71 -5.50
C HIS A 33 21.83 -2.61 -6.91
N LEU A 34 23.04 -3.10 -7.11
CA LEU A 34 23.68 -3.06 -8.43
C LEU A 34 22.90 -3.88 -9.44
N LEU A 35 22.36 -5.02 -9.01
CA LEU A 35 21.59 -5.89 -9.90
C LEU A 35 20.29 -5.19 -10.29
N TYR A 36 19.68 -4.49 -9.34
CA TYR A 36 18.45 -3.76 -9.62
C TYR A 36 18.73 -2.76 -10.71
N LYS A 37 19.83 -2.02 -10.57
CA LYS A 37 20.22 -1.01 -11.54
C LYS A 37 20.41 -1.62 -12.92
N LYS A 38 21.06 -2.78 -12.97
CA LYS A 38 21.29 -3.47 -14.23
C LYS A 38 19.98 -3.83 -14.92
N TRP A 39 19.01 -4.32 -14.15
CA TRP A 39 17.73 -4.69 -14.74
C TRP A 39 16.88 -3.48 -15.08
N ARG A 40 17.19 -2.35 -14.46
CA ARG A 40 16.44 -1.14 -14.73
C ARG A 40 17.01 -0.47 -15.96
N LYS A 41 18.34 -0.50 -16.11
CA LYS A 41 19.00 0.14 -17.24
C LYS A 41 18.93 -0.65 -18.55
N GLU A 42 18.81 -1.96 -18.47
CA GLU A 42 18.75 -2.77 -19.67
C GLU A 42 17.80 -3.94 -19.48
N ASP A 43 17.08 -4.30 -20.55
CA ASP A 43 16.11 -5.38 -20.46
C ASP A 43 16.67 -6.79 -20.40
N HIS A 44 16.29 -7.47 -19.33
CA HIS A 44 16.71 -8.85 -19.08
C HIS A 44 15.50 -9.66 -18.70
N LEU A 45 14.32 -9.19 -19.11
CA LEU A 45 13.08 -9.89 -18.79
C LEU A 45 13.06 -11.31 -19.35
N GLU A 46 13.49 -11.47 -20.59
CA GLU A 46 13.49 -12.79 -21.20
C GLU A 46 14.37 -13.77 -20.41
N GLU A 47 15.51 -13.30 -19.96
CA GLU A 47 16.41 -14.15 -19.19
C GLU A 47 15.73 -14.57 -17.89
N ARG A 48 15.14 -13.61 -17.19
CA ARG A 48 14.46 -13.92 -15.94
C ARG A 48 13.31 -14.88 -16.15
N LYS A 49 12.58 -14.71 -17.25
CA LYS A 49 11.45 -15.59 -17.55
C LYS A 49 11.94 -17.03 -17.64
N ALA A 50 13.00 -17.22 -18.42
CA ALA A 50 13.60 -18.53 -18.65
C ALA A 50 14.07 -19.16 -17.34
N GLN A 51 14.73 -18.36 -16.53
CA GLN A 51 15.27 -18.83 -15.26
C GLN A 51 14.16 -19.20 -14.29
N LEU A 52 13.06 -18.46 -14.31
CA LEU A 52 11.97 -18.76 -13.41
C LEU A 52 11.38 -20.11 -13.83
N HIS A 53 11.23 -20.30 -15.13
CA HIS A 53 10.69 -21.56 -15.68
C HIS A 53 11.63 -22.68 -15.25
N GLN A 54 12.92 -22.38 -15.20
CA GLN A 54 13.93 -23.35 -14.79
C GLN A 54 13.83 -23.67 -13.31
N VAL A 55 13.43 -22.67 -12.53
CA VAL A 55 13.27 -22.91 -11.10
C VAL A 55 12.18 -23.96 -10.96
N ALA A 56 11.14 -23.82 -11.76
CA ALA A 56 10.03 -24.76 -11.74
C ALA A 56 10.50 -26.14 -12.19
N ASN A 57 11.34 -26.18 -13.21
CA ASN A 57 11.85 -27.45 -13.73
C ASN A 57 12.61 -28.23 -12.68
N ILE A 58 13.52 -27.55 -11.99
CA ILE A 58 14.31 -28.18 -10.94
C ILE A 58 13.39 -28.67 -9.83
N LEU A 59 12.52 -27.79 -9.34
CA LEU A 59 11.57 -28.18 -8.29
C LEU A 59 10.82 -29.45 -8.70
N ARG A 60 10.32 -29.47 -9.92
CA ARG A 60 9.60 -30.63 -10.44
C ARG A 60 10.50 -31.85 -10.30
N ARG A 61 11.72 -31.72 -10.82
CA ARG A 61 12.69 -32.79 -10.79
C ARG A 61 13.06 -33.30 -9.40
N ASP A 62 13.43 -32.38 -8.50
CA ASP A 62 13.84 -32.77 -7.15
C ASP A 62 12.79 -32.55 -6.08
N ARG A 63 11.52 -32.67 -6.47
CA ARG A 63 10.43 -32.46 -5.53
C ARG A 63 10.64 -33.13 -4.17
N ASP A 64 10.92 -34.44 -4.19
CA ASP A 64 11.10 -35.18 -2.95
C ASP A 64 12.25 -34.69 -2.07
N LYS A 65 13.27 -34.12 -2.69
CA LYS A 65 14.40 -33.62 -1.92
C LYS A 65 14.02 -32.34 -1.18
N TYR A 66 13.30 -31.47 -1.86
CA TYR A 66 12.86 -30.21 -1.23
C TYR A 66 11.75 -30.48 -0.22
N ALA A 67 10.95 -31.52 -0.49
CA ALA A 67 9.85 -31.88 0.41
C ALA A 67 10.43 -32.36 1.73
N GLU A 68 11.39 -33.26 1.68
CA GLU A 68 11.97 -33.76 2.91
C GLU A 68 12.60 -32.62 3.70
N ILE A 69 13.14 -31.62 3.01
CA ILE A 69 13.75 -30.50 3.71
C ILE A 69 12.75 -29.79 4.60
N MET A 70 11.57 -29.52 4.07
CA MET A 70 10.54 -28.81 4.83
C MET A 70 10.04 -29.66 5.99
N THR A 71 9.87 -30.96 5.75
CA THR A 71 9.40 -31.88 6.78
C THR A 71 10.37 -31.94 7.94
N LYS A 72 11.65 -31.99 7.62
CA LYS A 72 12.69 -32.04 8.65
C LYS A 72 12.86 -30.68 9.33
N ASP A 73 12.51 -29.63 8.62
CA ASP A 73 12.63 -28.28 9.16
C ASP A 73 11.51 -27.97 10.14
N MET A 74 10.27 -28.00 9.67
CA MET A 74 9.15 -27.68 10.54
C MET A 74 8.17 -28.83 10.80
N GLY A 75 8.60 -30.04 10.43
CA GLY A 75 7.80 -31.24 10.67
C GLY A 75 6.49 -31.58 9.97
N LYS A 76 6.18 -30.95 8.84
CA LYS A 76 4.91 -31.24 8.17
C LYS A 76 4.94 -32.58 7.44
N LEU A 77 3.75 -33.10 7.16
CA LEU A 77 3.65 -34.37 6.45
C LEU A 77 4.39 -34.22 5.14
N PHE A 78 5.18 -35.22 4.82
CA PHE A 78 5.96 -35.25 3.58
C PHE A 78 5.07 -35.06 2.34
N THR A 79 3.89 -35.68 2.37
CA THR A 79 2.96 -35.56 1.25
C THR A 79 2.43 -34.14 1.09
N GLU A 80 2.22 -33.46 2.21
CA GLU A 80 1.74 -32.08 2.15
C GLU A 80 2.85 -31.21 1.55
N ALA A 81 4.10 -31.52 1.93
CA ALA A 81 5.26 -30.79 1.44
C ALA A 81 5.40 -30.98 -0.07
N GLN A 82 5.13 -32.19 -0.57
CA GLN A 82 5.22 -32.42 -2.00
C GLN A 82 4.17 -31.53 -2.67
N GLY A 83 3.02 -31.41 -2.02
CA GLY A 83 1.95 -30.59 -2.55
C GLY A 83 2.42 -29.15 -2.59
N GLU A 84 3.12 -28.72 -1.54
CA GLU A 84 3.62 -27.37 -1.48
C GLU A 84 4.51 -27.10 -2.70
N VAL A 85 5.48 -27.99 -2.92
CA VAL A 85 6.38 -27.84 -4.06
C VAL A 85 5.63 -27.74 -5.37
N ASP A 86 4.53 -28.49 -5.51
CA ASP A 86 3.75 -28.44 -6.74
C ASP A 86 3.14 -27.06 -6.93
N LEU A 87 2.73 -26.44 -5.83
CA LEU A 87 2.12 -25.12 -5.88
C LEU A 87 3.19 -24.08 -6.22
N CYS A 88 4.41 -24.35 -5.81
CA CYS A 88 5.51 -23.45 -6.10
C CYS A 88 5.82 -23.53 -7.59
N ALA A 89 5.94 -24.74 -8.11
CA ALA A 89 6.22 -24.93 -9.54
C ALA A 89 5.20 -24.12 -10.31
N ASP A 90 3.95 -24.18 -9.86
CA ASP A 90 2.88 -23.47 -10.50
C ASP A 90 3.05 -21.96 -10.50
N ILE A 91 3.22 -21.39 -9.32
CA ILE A 91 3.42 -19.96 -9.16
C ILE A 91 4.54 -19.47 -10.08
N ALA A 92 5.64 -20.21 -10.08
CA ALA A 92 6.80 -19.88 -10.90
C ALA A 92 6.44 -19.83 -12.38
N ASP A 93 5.83 -20.89 -12.90
CA ASP A 93 5.45 -20.88 -14.32
C ASP A 93 4.42 -19.82 -14.65
N TYR A 94 3.46 -19.59 -13.74
CA TYR A 94 2.42 -18.60 -13.97
C TYR A 94 3.02 -17.23 -14.24
N TYR A 95 3.88 -16.78 -13.33
CA TYR A 95 4.49 -15.48 -13.50
C TYR A 95 5.44 -15.40 -14.67
N ALA A 96 6.08 -16.52 -15.01
CA ALA A 96 6.97 -16.52 -16.14
C ALA A 96 6.11 -16.40 -17.40
N ASP A 97 4.94 -17.02 -17.38
CA ASP A 97 4.04 -16.98 -18.53
C ASP A 97 3.26 -15.69 -18.69
N LYS A 98 2.93 -15.04 -17.59
CA LYS A 98 2.17 -13.79 -17.65
C LYS A 98 3.07 -12.58 -17.69
N ALA A 99 4.38 -12.81 -17.59
CA ALA A 99 5.35 -11.72 -17.58
C ALA A 99 5.05 -10.58 -18.56
N ASP A 100 5.13 -10.87 -19.86
CA ASP A 100 4.88 -9.86 -20.88
C ASP A 100 3.54 -9.17 -20.69
N GLU A 101 2.48 -9.97 -20.54
CA GLU A 101 1.15 -9.41 -20.34
C GLU A 101 1.08 -8.44 -19.15
N PHE A 102 1.52 -8.90 -17.99
CA PHE A 102 1.48 -8.08 -16.77
C PHE A 102 2.34 -6.83 -16.78
N LEU A 103 3.50 -6.90 -17.44
CA LEU A 103 4.41 -5.75 -17.52
C LEU A 103 4.09 -4.82 -18.69
N MET A 104 2.95 -5.02 -19.32
CA MET A 104 2.54 -4.21 -20.44
C MET A 104 2.05 -2.82 -19.99
N SER A 105 2.40 -1.79 -20.75
CA SER A 105 1.99 -0.42 -20.41
C SER A 105 0.48 -0.25 -20.48
N THR A 106 -0.06 0.59 -19.60
CA THR A 106 -1.50 0.83 -19.54
C THR A 106 -1.94 2.16 -20.14
N PRO A 107 -2.76 2.11 -21.21
CA PRO A 107 -3.25 3.33 -21.86
C PRO A 107 -4.29 4.00 -20.95
N LEU A 108 -4.36 5.33 -21.01
CA LEU A 108 -5.32 6.05 -20.20
C LEU A 108 -6.27 6.85 -21.11
N GLU A 109 -7.57 6.77 -20.85
CA GLU A 109 -8.53 7.49 -21.67
C GLU A 109 -8.60 8.92 -21.18
N THR A 110 -8.46 9.86 -22.10
CA THR A 110 -8.51 11.28 -21.78
C THR A 110 -8.59 12.03 -23.09
N ASP A 111 -9.51 12.98 -23.17
CA ASP A 111 -9.66 13.74 -24.40
C ASP A 111 -8.76 14.96 -24.42
N SER A 112 -7.96 15.13 -23.37
CA SER A 112 -7.07 16.28 -23.30
C SER A 112 -5.64 16.00 -23.76
N GLY A 113 -5.36 14.75 -24.12
CA GLY A 113 -4.02 14.41 -24.58
C GLY A 113 -3.72 12.92 -24.59
N GLN A 114 -2.50 12.56 -24.95
CA GLN A 114 -2.09 11.15 -24.97
C GLN A 114 -1.52 10.80 -23.60
N ALA A 115 -2.03 9.73 -22.98
CA ALA A 115 -1.55 9.33 -21.66
C ALA A 115 -1.53 7.84 -21.43
N TYR A 116 -0.53 7.39 -20.67
CA TYR A 116 -0.38 5.98 -20.35
C TYR A 116 0.63 5.89 -19.24
N TYR A 117 0.76 4.71 -18.64
CA TYR A 117 1.74 4.56 -17.58
C TYR A 117 2.51 3.24 -17.70
N LEU A 118 3.80 3.32 -17.38
CA LEU A 118 4.69 2.18 -17.44
C LEU A 118 4.74 1.48 -16.09
N LYS A 119 4.97 0.17 -16.13
CA LYS A 119 5.06 -0.62 -14.92
C LYS A 119 6.55 -0.90 -14.76
N GLN A 120 7.20 -0.19 -13.85
CA GLN A 120 8.62 -0.36 -13.66
C GLN A 120 9.05 -0.89 -12.30
N SER A 121 10.27 -1.44 -12.27
CA SER A 121 10.86 -1.97 -11.05
C SER A 121 11.14 -0.80 -10.13
N THR A 122 11.28 -1.05 -8.83
CA THR A 122 11.54 0.05 -7.90
C THR A 122 12.82 -0.07 -7.07
N GLY A 123 13.28 -1.30 -6.81
CA GLY A 123 14.49 -1.48 -6.04
C GLY A 123 14.58 -2.83 -5.35
N VAL A 124 15.31 -2.88 -4.24
CA VAL A 124 15.47 -4.11 -3.49
C VAL A 124 14.34 -4.29 -2.48
N ILE A 125 13.73 -5.47 -2.48
CA ILE A 125 12.64 -5.76 -1.57
C ILE A 125 13.03 -6.71 -0.46
N LEU A 126 12.68 -6.35 0.77
CA LEU A 126 12.96 -7.21 1.91
C LEU A 126 11.69 -8.02 2.14
N ALA A 127 11.85 -9.33 2.27
CA ALA A 127 10.73 -10.22 2.51
C ALA A 127 10.93 -10.97 3.82
N VAL A 128 9.93 -10.95 4.67
CA VAL A 128 9.99 -11.65 5.94
C VAL A 128 8.90 -12.71 5.86
N GLU A 129 9.32 -13.97 5.80
CA GLU A 129 8.38 -15.07 5.66
C GLU A 129 8.32 -16.00 6.86
N PRO A 130 7.14 -16.63 7.09
CA PRO A 130 6.92 -17.56 8.20
C PRO A 130 7.30 -19.01 7.89
N TRP A 131 7.17 -19.86 8.89
CA TRP A 131 7.52 -21.27 8.74
C TRP A 131 6.42 -22.24 8.32
N ASN A 132 5.16 -21.87 8.46
CA ASN A 132 4.09 -22.81 8.11
C ASN A 132 4.08 -23.27 6.64
N PHE A 133 4.74 -22.52 5.76
CA PHE A 133 4.84 -22.88 4.34
C PHE A 133 6.17 -22.34 3.84
N PRO A 134 7.27 -22.96 4.27
CA PRO A 134 8.64 -22.60 3.93
C PRO A 134 8.86 -22.13 2.49
N TYR A 135 8.46 -22.95 1.53
CA TYR A 135 8.66 -22.60 0.13
C TYR A 135 7.55 -21.74 -0.47
N TYR A 136 6.31 -22.13 -0.27
CA TYR A 136 5.16 -21.40 -0.78
C TYR A 136 5.24 -19.91 -0.40
N GLN A 137 5.49 -19.64 0.88
CA GLN A 137 5.58 -18.27 1.37
C GLN A 137 6.60 -17.47 0.57
N ILE A 138 7.77 -18.06 0.34
CA ILE A 138 8.81 -17.38 -0.43
C ILE A 138 8.42 -17.17 -1.89
N MET A 139 7.96 -18.24 -2.54
CA MET A 139 7.60 -18.16 -3.94
C MET A 139 6.49 -17.15 -4.23
N ARG A 140 5.57 -17.00 -3.29
CA ARG A 140 4.46 -16.06 -3.45
C ARG A 140 4.94 -14.66 -3.79
N VAL A 141 6.02 -14.23 -3.16
CA VAL A 141 6.52 -12.89 -3.41
C VAL A 141 7.73 -12.85 -4.33
N PHE A 142 8.57 -13.88 -4.29
CA PHE A 142 9.73 -13.92 -5.16
C PHE A 142 9.37 -13.96 -6.65
N ALA A 143 8.55 -14.92 -7.04
CA ALA A 143 8.14 -15.06 -8.44
C ALA A 143 7.74 -13.72 -9.10
N PRO A 144 6.70 -13.06 -8.58
CA PRO A 144 6.27 -11.79 -9.17
C PRO A 144 7.32 -10.68 -9.16
N ASN A 145 8.06 -10.57 -8.06
CA ASN A 145 9.07 -9.55 -7.97
C ASN A 145 10.29 -9.81 -8.85
N PHE A 146 10.60 -11.09 -9.04
CA PHE A 146 11.73 -11.46 -9.88
C PHE A 146 11.42 -11.05 -11.31
N ILE A 147 10.22 -11.39 -11.77
CA ILE A 147 9.81 -11.02 -13.12
C ILE A 147 9.78 -9.49 -13.25
N VAL A 148 9.22 -8.82 -12.26
CA VAL A 148 9.16 -7.36 -12.25
C VAL A 148 10.55 -6.78 -12.38
N GLY A 149 11.50 -7.31 -11.61
CA GLY A 149 12.87 -6.81 -11.68
C GLY A 149 13.37 -6.25 -10.36
N ASN A 150 12.66 -6.56 -9.27
CA ASN A 150 13.06 -6.10 -7.93
C ASN A 150 13.91 -7.17 -7.26
N PRO A 151 15.23 -6.95 -7.14
CA PRO A 151 16.03 -7.99 -6.47
C PRO A 151 15.41 -8.21 -5.09
N MET A 152 15.68 -9.33 -4.45
CA MET A 152 15.08 -9.58 -3.14
C MET A 152 15.99 -10.19 -2.07
N VAL A 153 15.76 -9.77 -0.83
CA VAL A 153 16.51 -10.30 0.31
C VAL A 153 15.46 -10.92 1.25
N LEU A 154 15.73 -12.15 1.67
CA LEU A 154 14.82 -12.88 2.52
C LEU A 154 15.31 -13.10 3.94
N LYS A 155 14.36 -12.95 4.86
CA LYS A 155 14.58 -13.18 6.28
C LYS A 155 13.48 -14.19 6.59
N HIS A 156 13.88 -15.45 6.72
CA HIS A 156 12.95 -16.51 6.98
C HIS A 156 12.88 -16.82 8.48
N ALA A 157 12.01 -17.77 8.83
CA ALA A 157 11.85 -18.17 10.22
C ALA A 157 13.13 -18.85 10.72
N SER A 158 13.40 -18.73 12.00
CA SER A 158 14.59 -19.32 12.60
C SER A 158 14.53 -20.84 12.67
N ILE A 159 13.33 -21.42 12.67
CA ILE A 159 13.22 -22.87 12.75
C ILE A 159 13.26 -23.59 11.40
N CYS A 160 13.35 -22.85 10.31
CA CYS A 160 13.42 -23.50 9.00
C CYS A 160 14.52 -22.90 8.13
N PRO A 161 15.74 -22.79 8.67
CA PRO A 161 16.88 -22.22 7.94
C PRO A 161 17.34 -23.05 6.74
N ARG A 162 17.18 -24.37 6.84
CA ARG A 162 17.59 -25.24 5.74
C ARG A 162 16.76 -24.94 4.50
N SER A 163 15.46 -24.73 4.70
CA SER A 163 14.56 -24.41 3.59
C SER A 163 14.98 -23.10 2.96
N ALA A 164 15.08 -22.07 3.80
CA ALA A 164 15.46 -20.74 3.39
C ALA A 164 16.73 -20.76 2.56
N GLN A 165 17.75 -21.42 3.08
CA GLN A 165 19.04 -21.52 2.40
C GLN A 165 18.96 -22.29 1.08
N SER A 166 18.31 -23.46 1.10
CA SER A 166 18.20 -24.27 -0.12
C SER A 166 17.47 -23.56 -1.26
N PHE A 167 16.49 -22.71 -0.93
CA PHE A 167 15.73 -21.98 -1.94
C PHE A 167 16.65 -21.01 -2.70
N GLU A 168 17.56 -20.38 -1.99
CA GLU A 168 18.49 -19.45 -2.63
C GLU A 168 19.34 -20.28 -3.58
N GLU A 169 19.87 -21.40 -3.10
CA GLU A 169 20.68 -22.28 -3.92
C GLU A 169 19.91 -22.72 -5.17
N LEU A 170 18.62 -22.96 -4.99
CA LEU A 170 17.75 -23.39 -6.07
C LEU A 170 17.75 -22.36 -7.20
N VAL A 171 17.59 -21.10 -6.80
CA VAL A 171 17.55 -19.98 -7.75
C VAL A 171 18.87 -19.78 -8.48
N LEU A 172 19.98 -20.04 -7.78
CA LEU A 172 21.29 -19.90 -8.39
C LEU A 172 21.54 -21.07 -9.34
N GLU A 173 20.95 -22.21 -9.01
CA GLU A 173 21.10 -23.41 -9.82
C GLU A 173 20.35 -23.21 -11.13
N ALA A 174 19.21 -22.54 -11.04
CA ALA A 174 18.38 -22.28 -12.22
C ALA A 174 19.12 -21.34 -13.18
N GLY A 175 20.20 -20.74 -12.70
CA GLY A 175 20.97 -19.85 -13.54
C GLY A 175 20.76 -18.37 -13.30
N ALA A 176 19.81 -18.02 -12.43
CA ALA A 176 19.54 -16.62 -12.13
C ALA A 176 20.81 -16.00 -11.55
N GLU A 177 21.10 -14.77 -11.96
CA GLU A 177 22.30 -14.08 -11.48
C GLU A 177 22.28 -13.89 -9.97
N ALA A 178 23.46 -14.02 -9.36
CA ALA A 178 23.59 -13.87 -7.92
C ALA A 178 23.03 -12.53 -7.48
N GLY A 179 22.14 -12.55 -6.50
CA GLY A 179 21.54 -11.31 -6.02
C GLY A 179 20.04 -11.27 -6.23
N SER A 180 19.53 -12.11 -7.13
CA SER A 180 18.08 -12.17 -7.40
C SER A 180 17.30 -12.36 -6.09
N ILE A 181 17.84 -13.21 -5.23
CA ILE A 181 17.26 -13.45 -3.92
C ILE A 181 18.38 -13.99 -3.06
N THR A 182 18.51 -13.44 -1.86
CA THR A 182 19.55 -13.86 -0.93
C THR A 182 18.93 -14.13 0.42
N ASN A 183 19.32 -15.22 1.06
CA ASN A 183 18.78 -15.54 2.38
C ASN A 183 19.64 -14.84 3.42
N LEU A 184 18.98 -14.24 4.41
CA LEU A 184 19.69 -13.54 5.48
C LEU A 184 19.43 -14.14 6.86
N PHE A 185 20.45 -14.76 7.43
CA PHE A 185 20.34 -15.32 8.77
C PHE A 185 20.72 -14.15 9.70
N ILE A 186 19.83 -13.18 9.79
CA ILE A 186 20.10 -12.00 10.58
C ILE A 186 19.20 -11.90 11.79
N SER A 187 19.54 -10.97 12.70
CA SER A 187 18.78 -10.74 13.91
C SER A 187 17.68 -9.73 13.60
N TYR A 188 16.82 -9.44 14.57
CA TYR A 188 15.76 -8.48 14.32
C TYR A 188 16.29 -7.04 14.39
N ASP A 189 17.50 -6.89 14.91
CA ASP A 189 18.15 -5.59 14.96
C ASP A 189 18.65 -5.31 13.56
N GLN A 190 19.18 -6.35 12.91
CA GLN A 190 19.68 -6.22 11.57
C GLN A 190 18.53 -6.01 10.59
N VAL A 191 17.41 -6.68 10.83
CA VAL A 191 16.25 -6.50 9.95
C VAL A 191 15.88 -5.02 9.94
N SER A 192 16.02 -4.40 11.11
CA SER A 192 15.74 -2.99 11.28
C SER A 192 16.72 -2.14 10.45
N GLN A 193 17.99 -2.54 10.44
CA GLN A 193 19.02 -1.84 9.67
C GLN A 193 18.71 -1.96 8.18
N VAL A 194 18.29 -3.15 7.76
CA VAL A 194 17.97 -3.38 6.38
C VAL A 194 16.82 -2.47 5.97
N ILE A 195 15.83 -2.38 6.84
CA ILE A 195 14.67 -1.55 6.54
C ILE A 195 15.04 -0.07 6.48
N ALA A 196 16.10 0.32 7.20
CA ALA A 196 16.55 1.70 7.21
C ALA A 196 17.49 2.02 6.05
N ASP A 197 17.90 0.99 5.30
CA ASP A 197 18.81 1.19 4.18
C ASP A 197 18.14 1.83 2.96
N LYS A 198 18.75 2.91 2.44
CA LYS A 198 18.20 3.61 1.29
C LYS A 198 18.10 2.72 0.05
N ARG A 199 18.80 1.59 0.08
CA ARG A 199 18.80 0.66 -1.06
C ARG A 199 17.55 -0.23 -1.09
N VAL A 200 16.90 -0.41 0.05
CA VAL A 200 15.69 -1.21 0.12
C VAL A 200 14.51 -0.28 -0.07
N VAL A 201 13.65 -0.60 -1.03
CA VAL A 201 12.51 0.25 -1.33
C VAL A 201 11.16 -0.23 -0.81
N GLY A 202 11.12 -1.42 -0.20
CA GLY A 202 9.84 -1.91 0.29
C GLY A 202 9.91 -3.17 1.10
N VAL A 203 8.84 -3.47 1.84
CA VAL A 203 8.79 -4.66 2.68
C VAL A 203 7.49 -5.42 2.62
N CYS A 204 7.57 -6.70 2.29
CA CYS A 204 6.40 -7.57 2.27
C CYS A 204 6.61 -8.61 3.37
N LEU A 205 5.79 -8.51 4.42
CA LEU A 205 5.92 -9.44 5.52
C LEU A 205 4.72 -10.35 5.69
N THR A 206 5.01 -11.57 6.14
CA THR A 206 3.98 -12.56 6.42
C THR A 206 4.35 -13.19 7.76
N GLY A 207 3.48 -13.06 8.75
CA GLY A 207 3.76 -13.62 10.06
C GLY A 207 2.76 -13.23 11.13
N SER A 208 3.24 -12.98 12.34
CA SER A 208 2.39 -12.60 13.46
C SER A 208 2.09 -11.10 13.51
N GLU A 209 1.22 -10.71 14.44
CA GLU A 209 0.86 -9.30 14.58
C GLU A 209 2.01 -8.53 15.22
N ARG A 210 2.60 -9.12 16.25
CA ARG A 210 3.71 -8.47 16.95
C ARG A 210 4.81 -8.11 15.96
N GLY A 211 5.28 -9.11 15.23
CA GLY A 211 6.34 -8.88 14.25
C GLY A 211 5.93 -7.85 13.22
N GLY A 212 4.72 -8.00 12.68
CA GLY A 212 4.23 -7.06 11.69
C GLY A 212 4.20 -5.63 12.18
N ALA A 213 3.70 -5.42 13.39
CA ALA A 213 3.63 -4.07 13.95
C ALA A 213 5.03 -3.48 14.02
N SER A 214 5.97 -4.26 14.56
CA SER A 214 7.36 -3.85 14.68
C SER A 214 7.95 -3.51 13.31
N ILE A 215 7.81 -4.43 12.36
CA ILE A 215 8.35 -4.22 11.03
C ILE A 215 7.68 -3.06 10.28
N ALA A 216 6.34 -2.97 10.37
CA ALA A 216 5.63 -1.88 9.70
C ALA A 216 6.00 -0.55 10.33
N GLU A 217 6.22 -0.55 11.64
CA GLU A 217 6.59 0.67 12.31
C GLU A 217 7.94 1.18 11.80
N GLU A 218 8.90 0.28 11.62
CA GLU A 218 10.22 0.67 11.14
C GLU A 218 10.13 1.06 9.68
N ALA A 219 9.29 0.37 8.93
CA ALA A 219 9.15 0.68 7.51
C ALA A 219 8.53 2.06 7.34
N GLY A 220 7.57 2.38 8.20
CA GLY A 220 6.92 3.68 8.13
C GLY A 220 7.85 4.80 8.50
N LYS A 221 8.67 4.59 9.53
CA LYS A 221 9.60 5.62 9.96
C LYS A 221 10.60 5.94 8.85
N ASN A 222 10.71 5.03 7.89
CA ASN A 222 11.65 5.20 6.79
C ASN A 222 10.99 5.35 5.43
N LEU A 223 9.68 5.65 5.44
CA LEU A 223 8.92 5.87 4.21
C LEU A 223 8.87 4.69 3.21
N LYS A 224 9.01 3.46 3.69
CA LYS A 224 9.02 2.29 2.81
C LYS A 224 7.65 1.62 2.72
N LYS A 225 7.15 1.42 1.51
CA LYS A 225 5.86 0.79 1.30
C LYS A 225 5.89 -0.60 1.93
N THR A 226 4.72 -1.10 2.34
CA THR A 226 4.64 -2.42 2.93
C THR A 226 3.32 -3.09 2.60
N THR A 227 3.31 -4.41 2.79
CA THR A 227 2.13 -5.22 2.58
C THR A 227 2.25 -6.26 3.67
N LEU A 228 1.19 -6.45 4.43
CA LEU A 228 1.21 -7.41 5.53
C LEU A 228 0.22 -8.54 5.35
N GLU A 229 0.69 -9.73 5.64
CA GLU A 229 -0.14 -10.93 5.58
C GLU A 229 -0.03 -11.50 6.98
N LEU A 230 -0.97 -11.14 7.84
CA LEU A 230 -0.95 -11.63 9.22
C LEU A 230 -1.90 -12.81 9.43
N GLY A 231 -2.17 -13.16 10.67
CA GLY A 231 -3.03 -14.31 10.93
C GLY A 231 -4.51 -14.18 10.57
N GLY A 232 -5.25 -15.23 10.88
CA GLY A 232 -6.68 -15.23 10.60
C GLY A 232 -7.41 -16.11 11.59
N ASP A 233 -8.74 -16.05 11.55
CA ASP A 233 -9.59 -16.85 12.43
C ASP A 233 -10.84 -17.02 11.58
N ASP A 234 -10.64 -17.61 10.41
CA ASP A 234 -11.70 -17.79 9.45
C ASP A 234 -12.96 -18.49 9.93
N ALA A 235 -14.09 -17.95 9.48
CA ALA A 235 -15.40 -18.49 9.83
C ALA A 235 -15.85 -19.45 8.72
N PHE A 236 -16.26 -20.65 9.13
CA PHE A 236 -16.73 -21.67 8.22
C PHE A 236 -18.23 -21.72 8.53
N ILE A 237 -19.03 -21.04 7.72
CA ILE A 237 -20.47 -20.96 7.93
C ILE A 237 -21.28 -21.99 7.15
N ILE A 238 -22.00 -22.82 7.88
CA ILE A 238 -22.81 -23.86 7.28
C ILE A 238 -24.27 -23.43 7.22
N LEU A 239 -24.72 -22.95 6.07
CA LEU A 239 -26.10 -22.50 5.90
C LEU A 239 -27.14 -23.59 6.07
N ASP A 240 -28.41 -23.23 6.01
CA ASP A 240 -29.49 -24.21 6.17
C ASP A 240 -29.66 -25.19 5.00
N ASP A 241 -29.14 -24.84 3.83
CA ASP A 241 -29.24 -25.70 2.65
C ASP A 241 -27.92 -26.35 2.29
N ALA A 242 -26.97 -26.36 3.22
CA ALA A 242 -25.66 -26.95 2.99
C ALA A 242 -25.76 -28.47 2.75
N ASP A 243 -24.94 -28.98 1.84
CA ASP A 243 -24.93 -30.41 1.55
C ASP A 243 -23.91 -31.13 2.41
N TRP A 244 -24.40 -31.94 3.34
CA TRP A 244 -23.55 -32.66 4.27
C TRP A 244 -22.67 -33.78 3.70
N ASP A 245 -22.95 -34.21 2.47
CA ASP A 245 -22.11 -35.24 1.88
C ASP A 245 -20.77 -34.58 1.56
N GLN A 246 -20.84 -33.39 0.95
CA GLN A 246 -19.63 -32.65 0.60
C GLN A 246 -18.97 -32.15 1.88
N LEU A 247 -19.77 -31.63 2.79
CA LEU A 247 -19.27 -31.11 4.04
C LEU A 247 -18.33 -32.10 4.71
N GLU A 248 -18.77 -33.36 4.77
CA GLU A 248 -17.98 -34.42 5.40
C GLU A 248 -16.65 -34.60 4.68
N LYS A 249 -16.69 -34.59 3.35
CA LYS A 249 -15.49 -34.76 2.52
C LYS A 249 -14.38 -33.73 2.72
N VAL A 250 -14.74 -32.49 3.04
CA VAL A 250 -13.76 -31.43 3.20
C VAL A 250 -13.33 -31.11 4.63
N LEU A 251 -14.08 -31.58 5.62
CA LEU A 251 -13.76 -31.27 7.02
C LEU A 251 -12.35 -31.55 7.54
N TYR A 252 -11.79 -32.73 7.26
CA TYR A 252 -10.45 -33.04 7.76
C TYR A 252 -9.44 -32.01 7.25
N PHE A 253 -9.48 -31.78 5.95
CA PHE A 253 -8.59 -30.81 5.34
C PHE A 253 -8.79 -29.42 5.92
N SER A 254 -10.05 -29.01 6.04
CA SER A 254 -10.39 -27.68 6.52
C SER A 254 -9.77 -27.24 7.83
N ARG A 255 -9.51 -28.17 8.74
CA ARG A 255 -8.93 -27.78 10.01
C ARG A 255 -7.68 -28.55 10.41
N LEU A 256 -7.48 -29.74 9.86
CA LEU A 256 -6.32 -30.52 10.24
C LEU A 256 -5.16 -30.55 9.24
N TYR A 257 -5.34 -29.89 8.10
CA TYR A 257 -4.29 -29.80 7.11
C TYR A 257 -3.15 -28.99 7.75
N ASN A 258 -1.91 -29.42 7.56
CA ASN A 258 -0.75 -28.77 8.14
C ASN A 258 -0.97 -28.65 9.66
N ALA A 259 -1.67 -29.65 10.21
CA ALA A 259 -1.98 -29.71 11.64
C ALA A 259 -2.64 -28.44 12.18
N GLY A 260 -3.43 -27.77 11.35
CA GLY A 260 -4.12 -26.56 11.79
C GLY A 260 -3.29 -25.29 11.79
N GLN A 261 -2.03 -25.41 11.37
CA GLN A 261 -1.14 -24.27 11.32
C GLN A 261 -1.24 -23.55 9.96
N VAL A 262 -2.43 -23.07 9.65
CA VAL A 262 -2.68 -22.37 8.41
C VAL A 262 -3.48 -21.13 8.73
N CYS A 263 -2.98 -19.97 8.30
CA CYS A 263 -3.65 -18.71 8.55
C CYS A 263 -5.08 -18.77 8.04
N THR A 264 -5.31 -19.53 6.97
CA THR A 264 -6.66 -19.67 6.43
C THR A 264 -7.35 -20.97 6.85
N SER A 265 -6.89 -21.54 7.96
CA SER A 265 -7.50 -22.76 8.48
C SER A 265 -8.92 -22.39 8.87
N SER A 266 -9.81 -23.39 8.85
CA SER A 266 -11.19 -23.15 9.22
C SER A 266 -11.26 -23.22 10.74
N LYS A 267 -10.83 -22.14 11.39
CA LYS A 267 -10.79 -22.07 12.85
C LYS A 267 -12.12 -21.89 13.58
N ARG A 268 -13.08 -21.22 12.94
CA ARG A 268 -14.37 -21.02 13.60
C ARG A 268 -15.54 -21.58 12.82
N PHE A 269 -16.06 -22.72 13.26
CA PHE A 269 -17.20 -23.34 12.63
C PHE A 269 -18.49 -22.73 13.16
N ILE A 270 -19.29 -22.16 12.27
CA ILE A 270 -20.56 -21.54 12.67
C ILE A 270 -21.75 -22.33 12.13
N VAL A 271 -22.41 -23.08 13.01
CA VAL A 271 -23.57 -23.88 12.60
C VAL A 271 -24.86 -23.48 13.30
N LEU A 272 -25.99 -23.89 12.71
CA LEU A 272 -27.32 -23.59 13.22
C LEU A 272 -27.74 -24.60 14.28
N ASP A 273 -28.67 -24.20 15.15
CA ASP A 273 -29.17 -25.09 16.20
C ASP A 273 -29.52 -26.43 15.60
N LYS A 274 -30.34 -26.36 14.55
CA LYS A 274 -30.81 -27.54 13.83
C LYS A 274 -29.70 -28.53 13.54
N ASP A 275 -28.49 -28.04 13.28
CA ASP A 275 -27.35 -28.89 12.95
C ASP A 275 -26.24 -28.95 14.01
N TYR A 276 -26.44 -28.26 15.13
CA TYR A 276 -25.43 -28.23 16.17
C TYR A 276 -24.93 -29.60 16.62
N ASP A 277 -25.84 -30.42 17.13
CA ASP A 277 -25.47 -31.76 17.60
C ASP A 277 -25.08 -32.68 16.45
N ARG A 278 -25.68 -32.45 15.29
CA ARG A 278 -25.35 -33.25 14.13
C ARG A 278 -23.91 -32.97 13.71
N PHE A 279 -23.50 -31.71 13.81
CA PHE A 279 -22.14 -31.31 13.44
C PHE A 279 -21.11 -31.77 14.47
N LYS A 280 -21.48 -31.75 15.74
CA LYS A 280 -20.55 -32.18 16.79
C LYS A 280 -20.16 -33.64 16.58
N GLU A 281 -21.12 -34.45 16.11
CA GLU A 281 -20.84 -35.87 15.84
C GLU A 281 -19.89 -35.97 14.66
N LEU A 282 -20.29 -35.33 13.56
CA LEU A 282 -19.50 -35.35 12.34
C LEU A 282 -18.06 -34.88 12.55
N LEU A 283 -17.88 -33.71 13.16
CA LEU A 283 -16.53 -33.20 13.36
C LEU A 283 -15.74 -34.16 14.25
N THR A 284 -16.43 -34.77 15.21
CA THR A 284 -15.77 -35.70 16.10
C THR A 284 -15.36 -36.94 15.32
N LYS A 285 -16.28 -37.46 14.51
CA LYS A 285 -16.00 -38.64 13.71
C LYS A 285 -14.78 -38.36 12.84
N VAL A 286 -14.76 -37.19 12.20
CA VAL A 286 -13.65 -36.80 11.34
C VAL A 286 -12.34 -36.70 12.11
N PHE A 287 -12.36 -36.03 13.25
CA PHE A 287 -11.16 -35.86 14.04
C PHE A 287 -10.60 -37.17 14.58
N LYS A 288 -11.46 -38.16 14.79
CA LYS A 288 -11.03 -39.46 15.32
C LYS A 288 -10.21 -40.28 14.33
N THR A 289 -10.34 -39.97 13.04
CA THR A 289 -9.62 -40.68 12.00
C THR A 289 -8.15 -40.25 11.90
N ALA A 290 -7.78 -39.21 12.63
CA ALA A 290 -6.39 -38.74 12.60
C ALA A 290 -5.41 -39.79 13.11
N LYS A 291 -4.31 -39.95 12.39
CA LYS A 291 -3.25 -40.88 12.74
C LYS A 291 -1.96 -40.11 12.84
N TRP A 292 -1.54 -39.77 14.05
CA TRP A 292 -0.30 -39.03 14.23
C TRP A 292 0.90 -39.96 14.26
N GLY A 293 2.06 -39.43 13.88
CA GLY A 293 3.27 -40.22 13.85
C GLY A 293 4.35 -39.59 13.00
N ASP A 294 5.25 -40.43 12.48
CA ASP A 294 6.35 -39.97 11.63
C ASP A 294 5.85 -39.30 10.36
N PRO A 295 6.10 -37.98 10.21
CA PRO A 295 5.66 -37.22 9.04
C PRO A 295 6.13 -37.76 7.67
N MET A 296 7.22 -38.52 7.68
CA MET A 296 7.75 -39.11 6.45
C MET A 296 6.91 -40.32 6.05
N ASP A 297 6.26 -40.92 7.05
CA ASP A 297 5.43 -42.10 6.83
C ASP A 297 4.10 -41.78 6.13
N PRO A 298 3.83 -42.45 5.01
CA PRO A 298 2.62 -42.26 4.21
C PRO A 298 1.35 -42.52 5.02
N GLU A 299 1.47 -43.38 6.03
CA GLU A 299 0.33 -43.72 6.90
C GLU A 299 -0.16 -42.50 7.67
N THR A 300 0.79 -41.71 8.16
CA THR A 300 0.51 -40.52 8.97
C THR A 300 -0.43 -39.50 8.35
N THR A 301 -1.44 -39.10 9.12
CA THR A 301 -2.40 -38.10 8.67
C THR A 301 -2.45 -36.87 9.59
N LEU A 302 -1.53 -36.81 10.54
CA LEU A 302 -1.45 -35.67 11.45
C LEU A 302 -0.01 -35.49 11.87
N ALA A 303 0.56 -34.33 11.54
CA ALA A 303 1.95 -34.03 11.86
C ALA A 303 2.14 -33.37 13.22
N PRO A 304 3.37 -33.38 13.75
CA PRO A 304 3.57 -32.74 15.04
C PRO A 304 3.66 -31.25 14.74
N LEU A 305 3.57 -30.41 15.76
CA LEU A 305 3.66 -28.97 15.50
C LEU A 305 5.12 -28.62 15.21
N SER A 306 5.33 -27.42 14.68
CA SER A 306 6.67 -26.97 14.29
C SER A 306 7.70 -26.79 15.41
N SER A 307 7.26 -26.63 16.65
CA SER A 307 8.21 -26.46 17.75
C SER A 307 7.58 -26.71 19.10
N ALA A 308 8.43 -26.88 20.12
CA ALA A 308 7.97 -27.10 21.47
C ALA A 308 7.09 -25.93 21.88
N GLN A 309 7.60 -24.72 21.75
CA GLN A 309 6.87 -23.51 22.10
C GLN A 309 5.47 -23.49 21.44
N ALA A 310 5.41 -23.94 20.19
CA ALA A 310 4.17 -23.99 19.45
C ALA A 310 3.16 -24.86 20.20
N LYS A 311 3.59 -26.06 20.57
CA LYS A 311 2.74 -27.00 21.31
C LYS A 311 2.32 -26.38 22.64
N ALA A 312 3.30 -25.89 23.38
CA ALA A 312 3.04 -25.26 24.67
C ALA A 312 1.96 -24.20 24.51
N ASP A 313 2.08 -23.38 23.48
CA ASP A 313 1.11 -22.32 23.23
C ASP A 313 -0.30 -22.83 23.00
N VAL A 314 -0.46 -23.79 22.09
CA VAL A 314 -1.78 -24.34 21.80
C VAL A 314 -2.37 -25.01 23.04
N LEU A 315 -1.57 -25.82 23.72
CA LEU A 315 -2.05 -26.49 24.93
C LEU A 315 -2.56 -25.45 25.93
N ASP A 316 -1.87 -24.31 26.03
CA ASP A 316 -2.28 -23.27 26.95
C ASP A 316 -3.60 -22.65 26.53
N GLN A 317 -3.77 -22.49 25.22
CA GLN A 317 -5.00 -21.92 24.70
C GLN A 317 -6.18 -22.83 24.96
N ILE A 318 -5.98 -24.13 24.83
CA ILE A 318 -7.06 -25.08 25.06
C ILE A 318 -7.42 -24.99 26.55
N LYS A 319 -6.39 -25.00 27.39
CA LYS A 319 -6.58 -24.91 28.84
C LYS A 319 -7.33 -23.61 29.17
N LEU A 320 -6.85 -22.49 28.62
CA LEU A 320 -7.46 -21.19 28.86
C LEU A 320 -8.95 -21.14 28.49
N ALA A 321 -9.30 -21.75 27.36
CA ALA A 321 -10.68 -21.77 26.91
C ALA A 321 -11.57 -22.49 27.92
N LEU A 322 -11.08 -23.62 28.40
CA LEU A 322 -11.83 -24.41 29.36
C LEU A 322 -11.96 -23.71 30.72
N ASP A 323 -10.88 -23.09 31.18
CA ASP A 323 -10.90 -22.37 32.46
C ASP A 323 -11.83 -21.17 32.41
N HIS A 324 -12.30 -20.81 31.22
CA HIS A 324 -13.18 -19.67 31.07
C HIS A 324 -14.57 -20.05 30.59
N GLY A 325 -14.91 -21.33 30.77
CA GLY A 325 -16.24 -21.80 30.40
C GLY A 325 -16.42 -22.69 29.18
N ALA A 326 -15.50 -22.63 28.22
CA ALA A 326 -15.63 -23.47 27.03
C ALA A 326 -15.86 -24.93 27.42
N GLU A 327 -16.49 -25.68 26.53
CA GLU A 327 -16.77 -27.09 26.75
C GLU A 327 -15.87 -27.96 25.88
N LEU A 328 -15.33 -29.02 26.46
CA LEU A 328 -14.46 -29.93 25.72
C LEU A 328 -15.30 -30.98 25.01
N VAL A 329 -15.46 -30.82 23.70
CA VAL A 329 -16.26 -31.76 22.90
C VAL A 329 -15.49 -33.05 22.58
N TYR A 330 -14.18 -32.93 22.38
CA TYR A 330 -13.37 -34.10 22.06
C TYR A 330 -11.88 -33.88 22.23
N GLY A 331 -11.15 -34.96 22.46
CA GLY A 331 -9.71 -34.91 22.61
C GLY A 331 -9.22 -34.23 23.87
N GLY A 332 -8.12 -33.48 23.74
CA GLY A 332 -7.57 -32.77 24.88
C GLY A 332 -6.56 -33.60 25.65
N GLU A 333 -6.42 -34.87 25.28
CA GLU A 333 -5.49 -35.77 25.95
C GLU A 333 -4.06 -35.59 25.43
N ALA A 334 -3.10 -35.68 26.34
CA ALA A 334 -1.69 -35.51 26.00
C ALA A 334 -1.06 -36.71 25.34
N ILE A 335 -0.41 -36.48 24.20
CA ILE A 335 0.26 -37.55 23.48
C ILE A 335 1.65 -37.73 24.06
N ASP A 336 1.94 -38.95 24.50
CA ASP A 336 3.24 -39.28 25.09
C ASP A 336 4.19 -39.69 23.99
N HIS A 337 4.99 -38.73 23.53
CA HIS A 337 5.94 -38.99 22.46
C HIS A 337 6.89 -37.81 22.33
N PRO A 338 8.17 -38.08 22.00
CA PRO A 338 9.22 -37.06 21.83
C PRO A 338 8.87 -35.87 20.93
N GLY A 339 8.10 -36.12 19.87
CA GLY A 339 7.71 -35.05 18.97
C GLY A 339 6.76 -34.04 19.59
N HIS A 340 6.60 -32.90 18.92
CA HIS A 340 5.72 -31.84 19.40
C HIS A 340 4.29 -32.10 18.96
N PHE A 341 3.76 -33.24 19.38
CA PHE A 341 2.41 -33.63 19.03
C PHE A 341 1.31 -33.06 19.92
N VAL A 342 0.19 -32.75 19.29
CA VAL A 342 -0.99 -32.23 19.98
C VAL A 342 -2.14 -32.97 19.31
N MET A 343 -2.82 -33.82 20.06
CA MET A 343 -3.91 -34.57 19.46
C MET A 343 -5.07 -33.66 19.09
N PRO A 344 -5.75 -33.97 17.97
CA PRO A 344 -6.89 -33.19 17.49
C PRO A 344 -7.84 -32.94 18.64
N THR A 345 -8.33 -31.71 18.77
CA THR A 345 -9.22 -31.37 19.86
C THR A 345 -10.38 -30.50 19.41
N ILE A 346 -11.54 -30.69 20.04
CA ILE A 346 -12.71 -29.91 19.69
C ILE A 346 -13.29 -29.26 20.94
N ILE A 347 -13.62 -27.98 20.82
CA ILE A 347 -14.20 -27.25 21.95
C ILE A 347 -15.43 -26.51 21.44
N ALA A 348 -16.34 -26.19 22.35
CA ALA A 348 -17.56 -25.47 22.01
C ALA A 348 -18.01 -24.61 23.19
N GLY A 349 -19.20 -24.04 23.05
CA GLY A 349 -19.74 -23.20 24.10
C GLY A 349 -18.85 -22.02 24.39
N LEU A 350 -18.36 -21.36 23.34
CA LEU A 350 -17.50 -20.21 23.54
C LEU A 350 -18.41 -19.00 23.61
N THR A 351 -18.05 -18.07 24.48
CA THR A 351 -18.85 -16.87 24.65
C THR A 351 -17.94 -15.66 24.57
N LYS A 352 -18.51 -14.51 24.20
CA LYS A 352 -17.73 -13.28 24.08
C LYS A 352 -16.85 -12.99 25.30
N ASP A 353 -17.28 -13.46 26.47
CA ASP A 353 -16.52 -13.22 27.70
C ASP A 353 -15.31 -14.14 27.86
N ASN A 354 -15.18 -15.09 26.93
CA ASN A 354 -14.05 -16.02 26.95
C ASN A 354 -13.00 -15.52 25.97
N PRO A 355 -11.80 -15.20 26.47
CA PRO A 355 -10.72 -14.71 25.60
C PRO A 355 -10.51 -15.50 24.31
N ILE A 356 -10.52 -16.83 24.40
CA ILE A 356 -10.31 -17.65 23.23
C ILE A 356 -11.33 -17.38 22.13
N TYR A 357 -12.47 -16.83 22.50
CA TYR A 357 -13.51 -16.54 21.53
C TYR A 357 -12.91 -15.71 20.40
N TYR A 358 -12.00 -14.80 20.75
CA TYR A 358 -11.35 -13.90 19.80
C TYR A 358 -9.90 -14.23 19.44
N GLN A 359 -9.36 -15.31 20.01
CA GLN A 359 -7.99 -15.69 19.70
C GLN A 359 -7.88 -16.72 18.61
N GLU A 360 -6.84 -16.59 17.79
CA GLU A 360 -6.59 -17.54 16.72
C GLU A 360 -5.75 -18.68 17.29
N ILE A 361 -6.17 -19.92 17.08
CA ILE A 361 -5.43 -21.07 17.57
C ILE A 361 -4.71 -21.76 16.43
N PHE A 362 -3.37 -21.68 16.45
CA PHE A 362 -2.55 -22.26 15.41
C PHE A 362 -2.24 -23.72 15.71
N GLY A 363 -3.28 -24.51 15.92
CA GLY A 363 -3.11 -25.92 16.21
C GLY A 363 -4.31 -26.71 15.74
N PRO A 364 -4.32 -28.03 15.95
CA PRO A 364 -5.44 -28.90 15.53
C PRO A 364 -6.66 -28.80 16.45
N VAL A 365 -7.19 -27.60 16.59
CA VAL A 365 -8.33 -27.39 17.48
C VAL A 365 -9.61 -26.89 16.82
N GLY A 366 -10.58 -27.79 16.70
CA GLY A 366 -11.84 -27.40 16.12
C GLY A 366 -12.60 -26.56 17.13
N GLU A 367 -13.29 -25.54 16.65
CA GLU A 367 -14.08 -24.65 17.51
C GLU A 367 -15.51 -24.55 16.98
N ILE A 368 -16.49 -24.82 17.82
CA ILE A 368 -17.87 -24.75 17.36
C ILE A 368 -18.70 -23.63 17.97
N TYR A 369 -19.28 -22.81 17.09
CA TYR A 369 -20.13 -21.68 17.47
C TYR A 369 -21.54 -21.98 16.99
N LYS A 370 -22.52 -21.85 17.89
CA LYS A 370 -23.91 -22.12 17.56
C LYS A 370 -24.70 -20.83 17.33
N VAL A 371 -25.45 -20.77 16.24
CA VAL A 371 -26.26 -19.60 15.94
C VAL A 371 -27.69 -20.01 15.60
N SER A 372 -28.66 -19.12 15.84
CA SER A 372 -30.05 -19.45 15.57
C SER A 372 -30.54 -19.01 14.20
N SER A 373 -29.84 -18.08 13.56
CA SER A 373 -30.25 -17.63 12.24
C SER A 373 -29.05 -17.36 11.36
N GLU A 374 -29.33 -17.10 10.09
CA GLU A 374 -28.29 -16.82 9.11
C GLU A 374 -27.67 -15.47 9.43
N GLU A 375 -28.51 -14.54 9.88
CA GLU A 375 -28.06 -13.21 10.24
C GLU A 375 -27.09 -13.25 11.42
N GLU A 376 -27.41 -14.07 12.41
CA GLU A 376 -26.57 -14.23 13.60
C GLU A 376 -25.23 -14.81 13.17
N ALA A 377 -25.28 -15.66 12.15
CA ALA A 377 -24.08 -16.31 11.62
C ALA A 377 -23.16 -15.25 11.04
N ILE A 378 -23.74 -14.32 10.30
CA ILE A 378 -22.96 -13.25 9.70
C ILE A 378 -22.40 -12.38 10.81
N GLU A 379 -23.18 -12.18 11.87
CA GLU A 379 -22.74 -11.36 13.00
C GLU A 379 -21.53 -11.97 13.73
N VAL A 380 -21.61 -13.26 14.04
CA VAL A 380 -20.52 -13.93 14.73
C VAL A 380 -19.28 -13.96 13.83
N ALA A 381 -19.50 -14.21 12.54
CA ALA A 381 -18.39 -14.26 11.60
C ALA A 381 -17.63 -12.96 11.60
N ASN A 382 -18.36 -11.84 11.65
CA ASN A 382 -17.76 -10.51 11.64
C ASN A 382 -17.27 -10.04 13.00
N ASP A 383 -17.79 -10.64 14.07
CA ASP A 383 -17.36 -10.24 15.40
C ASP A 383 -15.98 -10.83 15.63
N SER A 384 -15.01 -10.31 14.87
CA SER A 384 -13.63 -10.79 14.90
C SER A 384 -12.64 -9.67 14.61
N ASN A 385 -11.43 -9.78 15.15
CA ASN A 385 -10.39 -8.79 14.92
C ASN A 385 -9.63 -9.21 13.66
N TYR A 386 -10.01 -10.36 13.11
CA TYR A 386 -9.36 -10.87 11.90
C TYR A 386 -10.31 -10.85 10.72
N GLY A 387 -9.77 -10.93 9.51
CA GLY A 387 -10.61 -10.92 8.32
C GLY A 387 -9.80 -11.37 7.13
N LEU A 388 -9.30 -12.61 7.19
CA LEU A 388 -8.49 -13.14 6.11
C LEU A 388 -9.32 -13.91 5.11
N GLY A 389 -9.70 -15.12 5.47
CA GLY A 389 -10.49 -15.94 4.57
C GLY A 389 -11.82 -16.31 5.18
N GLY A 390 -12.30 -17.49 4.86
CA GLY A 390 -13.57 -17.95 5.39
C GLY A 390 -14.25 -18.82 4.35
N THR A 391 -15.22 -19.62 4.80
CA THR A 391 -15.95 -20.51 3.92
C THR A 391 -17.44 -20.37 4.13
N ILE A 392 -18.20 -20.47 3.04
CA ILE A 392 -19.65 -20.42 3.12
C ILE A 392 -20.10 -21.74 2.49
N PHE A 393 -20.81 -22.56 3.27
CA PHE A 393 -21.29 -23.85 2.80
C PHE A 393 -22.79 -23.83 2.56
N SER A 394 -23.17 -23.97 1.29
CA SER A 394 -24.56 -23.95 0.87
C SER A 394 -24.70 -24.55 -0.53
N SER A 395 -25.80 -25.27 -0.76
CA SER A 395 -26.05 -25.90 -2.05
C SER A 395 -26.57 -24.89 -3.08
N ASN A 396 -27.03 -23.74 -2.61
CA ASN A 396 -27.53 -22.72 -3.51
C ASN A 396 -26.40 -21.73 -3.76
N GLN A 397 -25.84 -21.77 -4.96
CA GLN A 397 -24.72 -20.91 -5.34
C GLN A 397 -25.01 -19.43 -5.12
N GLU A 398 -26.09 -18.92 -5.69
CA GLU A 398 -26.41 -17.50 -5.54
C GLU A 398 -26.60 -17.12 -4.07
N HIS A 399 -27.13 -18.05 -3.29
CA HIS A 399 -27.34 -17.81 -1.87
C HIS A 399 -25.97 -17.69 -1.18
N ALA A 400 -25.11 -18.66 -1.45
CA ALA A 400 -23.78 -18.67 -0.87
C ALA A 400 -23.00 -17.43 -1.25
N LYS A 401 -23.16 -16.97 -2.49
CA LYS A 401 -22.46 -15.78 -2.98
C LYS A 401 -22.96 -14.51 -2.30
N ALA A 402 -24.25 -14.49 -1.99
CA ALA A 402 -24.87 -13.35 -1.34
C ALA A 402 -24.43 -13.24 0.12
N VAL A 403 -24.30 -14.38 0.78
CA VAL A 403 -23.86 -14.40 2.17
C VAL A 403 -22.40 -14.01 2.23
N ALA A 404 -21.60 -14.57 1.33
CA ALA A 404 -20.17 -14.28 1.30
C ALA A 404 -19.93 -12.78 1.28
N ALA A 405 -20.66 -12.09 0.41
CA ALA A 405 -20.55 -10.65 0.25
C ALA A 405 -20.78 -9.84 1.54
N LYS A 406 -21.46 -10.46 2.51
CA LYS A 406 -21.75 -9.76 3.76
C LYS A 406 -20.71 -10.02 4.83
N ILE A 407 -19.68 -10.79 4.50
CA ILE A 407 -18.65 -11.09 5.48
C ILE A 407 -17.50 -10.12 5.29
N GLU A 408 -17.03 -9.56 6.41
CA GLU A 408 -15.93 -8.61 6.38
C GLU A 408 -14.65 -9.42 6.39
N THR A 409 -14.24 -9.87 5.21
CA THR A 409 -13.03 -10.68 5.09
C THR A 409 -12.41 -10.47 3.72
N GLY A 410 -11.18 -10.93 3.54
CA GLY A 410 -10.50 -10.77 2.25
C GLY A 410 -10.81 -11.86 1.22
N MET A 411 -11.07 -13.08 1.69
CA MET A 411 -11.34 -14.21 0.81
C MET A 411 -12.51 -15.06 1.32
N SER A 412 -13.33 -15.54 0.41
CA SER A 412 -14.47 -16.41 0.73
C SER A 412 -14.44 -17.63 -0.17
N PHE A 413 -14.46 -18.80 0.45
CA PHE A 413 -14.42 -20.07 -0.26
C PHE A 413 -15.77 -20.74 -0.16
N ILE A 414 -16.38 -20.96 -1.32
CA ILE A 414 -17.69 -21.58 -1.37
C ILE A 414 -17.59 -23.11 -1.39
N ASN A 415 -18.33 -23.76 -0.52
CA ASN A 415 -18.35 -25.21 -0.40
C ASN A 415 -16.96 -25.84 -0.43
N SER A 416 -16.03 -25.27 0.33
CA SER A 416 -14.70 -25.81 0.38
C SER A 416 -13.82 -25.10 1.40
N GLY A 417 -12.69 -25.74 1.72
CA GLY A 417 -11.75 -25.15 2.66
C GLY A 417 -10.93 -24.14 1.87
N TRP A 418 -9.88 -23.60 2.47
CA TRP A 418 -9.08 -22.62 1.77
C TRP A 418 -8.32 -23.22 0.60
N THR A 419 -8.04 -22.40 -0.40
CA THR A 419 -7.30 -22.82 -1.57
C THR A 419 -6.35 -21.68 -1.89
N SER A 420 -5.36 -21.94 -2.73
CA SER A 420 -4.43 -20.90 -3.11
C SER A 420 -3.86 -21.24 -4.47
N LEU A 421 -4.21 -20.41 -5.45
CA LEU A 421 -3.74 -20.59 -6.81
C LEU A 421 -3.03 -19.32 -7.21
N PRO A 422 -2.03 -19.43 -8.09
CA PRO A 422 -1.27 -18.25 -8.54
C PRO A 422 -2.11 -17.16 -9.22
N GLU A 423 -3.30 -17.52 -9.68
CA GLU A 423 -4.16 -16.56 -10.36
C GLU A 423 -5.14 -15.89 -9.40
N LEU A 424 -5.18 -16.37 -8.17
CA LEU A 424 -6.09 -15.82 -7.15
C LEU A 424 -5.37 -14.92 -6.14
N PRO A 425 -5.92 -13.72 -5.92
CA PRO A 425 -5.33 -12.78 -4.97
C PRO A 425 -5.49 -13.29 -3.54
N PHE A 426 -4.42 -13.16 -2.76
CA PHE A 426 -4.43 -13.62 -1.38
C PHE A 426 -4.18 -12.44 -0.45
N GLY A 427 -5.05 -12.29 0.56
CA GLY A 427 -4.88 -11.19 1.50
C GLY A 427 -6.14 -10.93 2.29
N GLY A 428 -6.03 -10.16 3.37
CA GLY A 428 -7.21 -9.88 4.17
C GLY A 428 -7.29 -8.46 4.68
N ILE A 429 -8.22 -8.23 5.61
CA ILE A 429 -8.41 -6.90 6.21
C ILE A 429 -8.23 -6.98 7.73
N LYS A 430 -8.53 -5.90 8.42
CA LYS A 430 -8.43 -5.86 9.87
C LYS A 430 -7.03 -6.27 10.34
N HIS A 431 -6.97 -7.06 11.41
CA HIS A 431 -5.69 -7.48 11.98
C HIS A 431 -5.02 -8.56 11.13
N SER A 432 -5.58 -8.85 9.96
CA SER A 432 -5.00 -9.85 9.09
C SER A 432 -4.02 -9.15 8.16
N GLY A 433 -4.00 -7.82 8.23
CA GLY A 433 -3.11 -7.02 7.42
C GLY A 433 -3.79 -6.26 6.29
N TYR A 434 -2.99 -5.92 5.28
CA TYR A 434 -3.49 -5.21 4.12
C TYR A 434 -2.61 -5.58 2.93
N GLY A 435 -3.07 -5.26 1.72
CA GLY A 435 -2.29 -5.60 0.54
C GLY A 435 -2.69 -6.99 0.10
N ARG A 436 -2.23 -7.38 -1.07
CA ARG A 436 -2.55 -8.70 -1.61
C ARG A 436 -1.32 -9.33 -2.21
N GLU A 437 -1.38 -10.64 -2.44
CA GLU A 437 -0.29 -11.37 -3.06
C GLU A 437 -0.89 -12.31 -4.07
N LEU A 438 -0.12 -12.68 -5.08
CA LEU A 438 -0.56 -13.58 -6.16
C LEU A 438 -1.49 -12.86 -7.13
N SER A 439 -1.79 -13.52 -8.25
CA SER A 439 -2.62 -12.96 -9.30
C SER A 439 -1.95 -11.66 -9.76
N GLU A 440 -2.62 -10.89 -10.61
CA GLU A 440 -2.02 -9.65 -11.09
C GLU A 440 -1.92 -8.58 -10.00
N LEU A 441 -2.79 -8.63 -9.00
CA LEU A 441 -2.77 -7.66 -7.92
C LEU A 441 -1.46 -7.69 -7.11
N GLY A 442 -1.01 -8.89 -6.76
CA GLY A 442 0.22 -8.99 -5.99
C GLY A 442 1.43 -8.64 -6.84
N PHE A 443 1.26 -8.71 -8.16
CA PHE A 443 2.34 -8.41 -9.09
C PHE A 443 2.77 -6.95 -9.00
N THR A 444 1.79 -6.05 -8.98
CA THR A 444 2.05 -4.62 -8.93
C THR A 444 2.23 -4.01 -7.54
N SER A 445 2.48 -4.83 -6.52
CA SER A 445 2.64 -4.30 -5.16
C SER A 445 3.82 -3.36 -5.00
N PHE A 446 4.95 -3.70 -5.61
CA PHE A 446 6.13 -2.86 -5.51
C PHE A 446 6.56 -2.42 -6.90
N VAL A 447 5.56 -2.06 -7.69
CA VAL A 447 5.76 -1.60 -9.04
C VAL A 447 5.57 -0.10 -9.07
N ASN A 448 6.25 0.56 -10.00
CA ASN A 448 6.16 1.99 -10.15
C ASN A 448 5.28 2.32 -11.33
N GLU A 449 4.09 2.87 -11.07
CA GLU A 449 3.21 3.25 -12.18
C GLU A 449 3.71 4.61 -12.62
N HIS A 450 4.53 4.61 -13.66
CA HIS A 450 5.13 5.82 -14.20
C HIS A 450 4.28 6.45 -15.30
N LEU A 451 3.53 7.48 -14.95
CA LEU A 451 2.67 8.16 -15.88
C LEU A 451 3.46 8.96 -16.92
N ILE A 452 3.05 8.86 -18.18
CA ILE A 452 3.67 9.62 -19.24
C ILE A 452 2.51 10.41 -19.80
N TYR A 453 2.61 11.73 -19.77
CA TYR A 453 1.51 12.55 -20.25
C TYR A 453 1.88 13.56 -21.32
N ILE A 454 1.18 13.50 -22.45
CA ILE A 454 1.39 14.42 -23.57
C ILE A 454 0.10 15.16 -23.91
N PRO A 455 -0.02 16.42 -23.45
CA PRO A 455 -1.20 17.23 -23.71
C PRO A 455 -1.34 17.61 -25.19
N ASN A 456 -2.56 17.92 -25.62
CA ASN A 456 -2.79 18.31 -27.01
C ASN A 456 -2.27 19.72 -27.25
N ALA B 2 -3.76 25.89 17.44
CA ALA B 2 -2.93 26.81 16.61
C ALA B 2 -3.50 26.95 15.20
N TYR B 3 -4.82 26.91 15.07
CA TYR B 3 -5.47 27.03 13.77
C TYR B 3 -6.00 28.45 13.54
N GLN B 4 -5.26 29.22 12.75
CA GLN B 4 -5.65 30.59 12.44
C GLN B 4 -5.55 30.93 10.97
N THR B 5 -6.49 31.73 10.49
CA THR B 5 -6.47 32.19 9.11
C THR B 5 -5.73 33.53 9.18
N ILE B 6 -4.51 33.58 8.68
CA ILE B 6 -3.73 34.80 8.71
C ILE B 6 -3.38 35.22 7.29
N TYR B 7 -4.19 36.11 6.73
CA TYR B 7 -3.99 36.59 5.36
C TYR B 7 -2.52 36.89 5.05
N PRO B 8 -1.94 36.12 4.11
CA PRO B 8 -0.55 36.25 3.69
C PRO B 8 -0.18 37.60 3.06
N TYR B 9 -1.17 38.31 2.54
CA TYR B 9 -0.92 39.60 1.91
C TYR B 9 -0.74 40.71 2.93
N THR B 10 -1.58 40.70 3.95
CA THR B 10 -1.55 41.74 4.98
C THR B 10 -0.99 41.26 6.32
N ASN B 11 -0.91 39.94 6.49
CA ASN B 11 -0.42 39.33 7.73
C ASN B 11 -1.30 39.66 8.93
N GLU B 12 -2.60 39.81 8.67
CA GLU B 12 -3.55 40.11 9.74
C GLU B 12 -4.43 38.90 9.98
N VAL B 13 -4.58 38.51 11.24
CA VAL B 13 -5.42 37.38 11.59
C VAL B 13 -6.88 37.73 11.30
N LEU B 14 -7.53 36.89 10.50
CA LEU B 14 -8.91 37.12 10.14
C LEU B 14 -9.86 36.30 11.03
N HIS B 15 -9.52 35.03 11.25
CA HIS B 15 -10.32 34.16 12.09
C HIS B 15 -9.44 33.19 12.88
N THR B 16 -9.85 32.90 14.11
CA THR B 16 -9.12 31.95 14.93
C THR B 16 -10.10 30.85 15.31
N PHE B 17 -9.68 29.60 15.14
CA PHE B 17 -10.56 28.48 15.46
C PHE B 17 -10.13 27.72 16.70
N ASP B 18 -11.12 27.16 17.40
CA ASP B 18 -10.89 26.39 18.60
C ASP B 18 -10.59 24.94 18.26
N ASN B 19 -9.65 24.36 19.00
CA ASN B 19 -9.30 22.95 18.81
C ASN B 19 -10.47 22.05 19.14
N MET B 20 -10.38 20.80 18.74
CA MET B 20 -11.43 19.84 19.03
C MET B 20 -11.01 19.15 20.32
N THR B 21 -11.98 18.78 21.15
CA THR B 21 -11.68 18.12 22.40
C THR B 21 -11.63 16.61 22.22
N ASP B 22 -11.13 15.91 23.24
CA ASP B 22 -11.06 14.46 23.17
C ASP B 22 -12.46 13.89 22.97
N GLN B 23 -13.44 14.41 23.70
CA GLN B 23 -14.80 13.91 23.57
C GLN B 23 -15.34 14.18 22.19
N GLY B 24 -15.14 15.40 21.70
CA GLY B 24 -15.59 15.75 20.37
C GLY B 24 -15.06 14.75 19.37
N LEU B 25 -13.76 14.50 19.40
CA LEU B 25 -13.11 13.56 18.49
C LEU B 25 -13.76 12.16 18.60
N ALA B 26 -13.97 11.72 19.84
CA ALA B 26 -14.57 10.44 20.11
C ALA B 26 -15.92 10.34 19.43
N ASP B 27 -16.74 11.38 19.57
CA ASP B 27 -18.05 11.41 18.96
C ASP B 27 -17.98 11.37 17.44
N VAL B 28 -17.01 12.08 16.87
CA VAL B 28 -16.84 12.14 15.43
C VAL B 28 -16.54 10.76 14.84
N LEU B 29 -15.69 10.01 15.54
CA LEU B 29 -15.29 8.70 15.08
C LEU B 29 -16.45 7.69 15.18
N GLU B 30 -17.22 7.76 16.24
CA GLU B 30 -18.34 6.83 16.37
C GLU B 30 -19.37 7.15 15.28
N ARG B 31 -19.60 8.43 15.01
CA ARG B 31 -20.57 8.79 13.98
C ARG B 31 -20.11 8.26 12.64
N ALA B 32 -18.83 8.48 12.35
CA ALA B 32 -18.25 8.02 11.11
C ALA B 32 -18.30 6.51 10.99
N HIS B 33 -17.96 5.80 12.08
CA HIS B 33 -17.98 4.35 12.07
C HIS B 33 -19.37 3.79 11.80
N LEU B 34 -20.39 4.41 12.39
CA LEU B 34 -21.76 3.95 12.18
C LEU B 34 -22.19 4.16 10.74
N LEU B 35 -21.79 5.30 10.17
CA LEU B 35 -22.12 5.63 8.79
C LEU B 35 -21.49 4.57 7.87
N TYR B 36 -20.25 4.20 8.18
CA TYR B 36 -19.57 3.17 7.40
C TYR B 36 -20.45 1.92 7.42
N LYS B 37 -20.82 1.48 8.61
CA LYS B 37 -21.66 0.29 8.75
C LYS B 37 -22.99 0.48 8.02
N LYS B 38 -23.54 1.68 8.08
CA LYS B 38 -24.81 1.94 7.42
C LYS B 38 -24.68 1.73 5.91
N TRP B 39 -23.60 2.24 5.33
CA TRP B 39 -23.38 2.09 3.90
C TRP B 39 -22.98 0.67 3.50
N ARG B 40 -22.59 -0.12 4.49
CA ARG B 40 -22.18 -1.50 4.24
C ARG B 40 -23.42 -2.40 4.18
N LYS B 41 -24.38 -2.12 5.05
CA LYS B 41 -25.61 -2.90 5.14
C LYS B 41 -26.60 -2.58 4.02
N GLU B 42 -26.80 -1.29 3.75
CA GLU B 42 -27.73 -0.86 2.71
C GLU B 42 -27.00 -0.31 1.49
N ASP B 43 -27.68 -0.31 0.34
CA ASP B 43 -27.06 0.22 -0.87
C ASP B 43 -27.51 1.65 -1.05
N HIS B 44 -26.67 2.58 -0.61
CA HIS B 44 -26.95 4.01 -0.73
C HIS B 44 -26.03 4.59 -1.80
N LEU B 45 -25.45 3.73 -2.64
CA LEU B 45 -24.53 4.17 -3.68
C LEU B 45 -25.08 5.27 -4.58
N GLU B 46 -26.25 5.02 -5.16
CA GLU B 46 -26.86 5.99 -6.05
C GLU B 46 -27.00 7.36 -5.40
N GLU B 47 -27.29 7.39 -4.11
CA GLU B 47 -27.44 8.64 -3.38
C GLU B 47 -26.13 9.41 -3.31
N ARG B 48 -25.07 8.71 -2.92
CA ARG B 48 -23.77 9.36 -2.81
C ARG B 48 -23.36 9.94 -4.16
N LYS B 49 -23.70 9.24 -5.25
CA LYS B 49 -23.37 9.72 -6.59
C LYS B 49 -24.04 11.07 -6.83
N ALA B 50 -25.33 11.13 -6.52
CA ALA B 50 -26.11 12.35 -6.69
C ALA B 50 -25.54 13.45 -5.79
N GLN B 51 -25.19 13.08 -4.56
CA GLN B 51 -24.63 14.04 -3.61
C GLN B 51 -23.28 14.54 -4.09
N LEU B 52 -22.52 13.68 -4.74
CA LEU B 52 -21.20 14.09 -5.22
C LEU B 52 -21.37 15.06 -6.39
N HIS B 53 -22.32 14.78 -7.27
CA HIS B 53 -22.59 15.67 -8.39
C HIS B 53 -23.02 17.02 -7.82
N GLN B 54 -23.86 16.96 -6.79
CA GLN B 54 -24.36 18.17 -6.14
C GLN B 54 -23.23 19.01 -5.58
N VAL B 55 -22.20 18.35 -5.06
CA VAL B 55 -21.04 19.04 -4.52
C VAL B 55 -20.38 19.83 -5.65
N ALA B 56 -20.29 19.19 -6.80
CA ALA B 56 -19.69 19.82 -7.97
C ALA B 56 -20.49 21.06 -8.34
N ASN B 57 -21.81 20.92 -8.40
CA ASN B 57 -22.68 22.03 -8.77
C ASN B 57 -22.51 23.24 -7.85
N ILE B 58 -22.52 23.01 -6.54
CA ILE B 58 -22.36 24.11 -5.59
C ILE B 58 -21.01 24.81 -5.80
N LEU B 59 -19.95 24.03 -5.97
CA LEU B 59 -18.61 24.59 -6.20
C LEU B 59 -18.64 25.47 -7.45
N ARG B 60 -19.31 24.98 -8.48
CA ARG B 60 -19.42 25.70 -9.73
C ARG B 60 -20.17 27.00 -9.45
N ARG B 61 -21.32 26.86 -8.80
CA ARG B 61 -22.17 27.99 -8.46
C ARG B 61 -21.44 29.04 -7.63
N ASP B 62 -20.87 28.63 -6.50
CA ASP B 62 -20.17 29.59 -5.64
C ASP B 62 -18.67 29.53 -5.81
N ARG B 63 -18.22 29.33 -7.05
CA ARG B 63 -16.78 29.23 -7.32
C ARG B 63 -15.97 30.39 -6.74
N ASP B 64 -16.40 31.61 -6.99
CA ASP B 64 -15.65 32.78 -6.50
C ASP B 64 -15.62 32.88 -4.98
N LYS B 65 -16.63 32.33 -4.31
CA LYS B 65 -16.66 32.37 -2.85
C LYS B 65 -15.60 31.45 -2.24
N TYR B 66 -15.51 30.24 -2.78
CA TYR B 66 -14.53 29.27 -2.30
C TYR B 66 -13.12 29.66 -2.69
N ALA B 67 -12.99 30.34 -3.82
CA ALA B 67 -11.71 30.79 -4.33
C ALA B 67 -11.10 31.84 -3.39
N GLU B 68 -11.90 32.81 -2.98
CA GLU B 68 -11.41 33.84 -2.09
C GLU B 68 -11.00 33.28 -0.74
N ILE B 69 -11.74 32.28 -0.26
CA ILE B 69 -11.43 31.65 1.02
C ILE B 69 -10.03 31.07 0.99
N MET B 70 -9.66 30.48 -0.15
CA MET B 70 -8.33 29.91 -0.31
C MET B 70 -7.28 31.00 -0.37
N THR B 71 -7.59 32.09 -1.07
CA THR B 71 -6.67 33.22 -1.18
C THR B 71 -6.40 33.86 0.17
N LYS B 72 -7.44 34.12 0.94
CA LYS B 72 -7.27 34.75 2.25
C LYS B 72 -6.62 33.79 3.24
N ASP B 73 -6.77 32.49 3.00
CA ASP B 73 -6.20 31.48 3.88
C ASP B 73 -4.70 31.30 3.67
N MET B 74 -4.31 30.95 2.45
CA MET B 74 -2.90 30.74 2.17
C MET B 74 -2.29 31.66 1.11
N GLY B 75 -3.01 32.76 0.83
CA GLY B 75 -2.56 33.78 -0.09
C GLY B 75 -2.19 33.52 -1.54
N LYS B 76 -2.91 32.66 -2.24
CA LYS B 76 -2.58 32.40 -3.64
C LYS B 76 -3.49 33.24 -4.53
N LEU B 77 -3.04 33.48 -5.77
CA LEU B 77 -3.80 34.27 -6.73
C LEU B 77 -5.23 33.77 -6.82
N PHE B 78 -6.17 34.71 -6.68
CA PHE B 78 -7.60 34.43 -6.76
C PHE B 78 -7.92 33.68 -8.04
N THR B 79 -7.27 34.07 -9.14
CA THR B 79 -7.51 33.43 -10.42
C THR B 79 -7.07 31.97 -10.39
N GLU B 80 -5.98 31.68 -9.67
CA GLU B 80 -5.51 30.31 -9.55
C GLU B 80 -6.51 29.56 -8.69
N ALA B 81 -6.91 30.19 -7.59
CA ALA B 81 -7.88 29.59 -6.68
C ALA B 81 -9.13 29.18 -7.46
N GLN B 82 -9.58 30.04 -8.37
CA GLN B 82 -10.76 29.72 -9.18
C GLN B 82 -10.47 28.45 -9.98
N GLY B 83 -9.22 28.34 -10.43
CA GLY B 83 -8.83 27.19 -11.21
C GLY B 83 -8.89 25.92 -10.40
N GLU B 84 -8.39 26.00 -9.17
CA GLU B 84 -8.40 24.84 -8.28
C GLU B 84 -9.83 24.36 -8.16
N VAL B 85 -10.73 25.28 -7.89
CA VAL B 85 -12.14 24.95 -7.76
C VAL B 85 -12.66 24.21 -8.99
N ASP B 86 -12.27 24.66 -10.18
CA ASP B 86 -12.72 24.03 -11.39
C ASP B 86 -12.23 22.59 -11.51
N LEU B 87 -11.02 22.35 -11.06
CA LEU B 87 -10.47 20.99 -11.10
C LEU B 87 -11.28 20.14 -10.12
N CYS B 88 -11.66 20.74 -8.99
CA CYS B 88 -12.45 20.04 -7.98
C CYS B 88 -13.81 19.65 -8.51
N ALA B 89 -14.46 20.55 -9.23
CA ALA B 89 -15.77 20.26 -9.79
C ALA B 89 -15.62 19.04 -10.69
N ASP B 90 -14.48 18.94 -11.36
CA ASP B 90 -14.20 17.85 -12.29
C ASP B 90 -13.87 16.53 -11.62
N ILE B 91 -13.08 16.58 -10.55
CA ILE B 91 -12.72 15.36 -9.85
C ILE B 91 -13.99 14.77 -9.28
N ALA B 92 -14.87 15.64 -8.81
CA ALA B 92 -16.13 15.21 -8.22
C ALA B 92 -17.03 14.57 -9.26
N ASP B 93 -17.31 15.26 -10.36
CA ASP B 93 -18.14 14.69 -11.41
C ASP B 93 -17.52 13.40 -11.96
N TYR B 94 -16.19 13.37 -12.01
CA TYR B 94 -15.48 12.20 -12.54
C TYR B 94 -15.84 10.91 -11.81
N TYR B 95 -15.64 10.90 -10.49
CA TYR B 95 -15.92 9.72 -9.71
C TYR B 95 -17.40 9.41 -9.59
N ALA B 96 -18.24 10.45 -9.66
CA ALA B 96 -19.68 10.23 -9.60
C ALA B 96 -20.14 9.54 -10.88
N ASP B 97 -19.41 9.76 -11.97
CA ASP B 97 -19.75 9.14 -13.25
C ASP B 97 -19.11 7.77 -13.41
N LYS B 98 -17.85 7.66 -13.03
CA LYS B 98 -17.13 6.39 -13.14
C LYS B 98 -17.52 5.41 -12.03
N ALA B 99 -18.31 5.88 -11.09
CA ALA B 99 -18.76 5.08 -9.94
C ALA B 99 -19.12 3.63 -10.23
N ASP B 100 -20.11 3.42 -11.09
CA ASP B 100 -20.57 2.08 -11.43
C ASP B 100 -19.50 1.21 -12.10
N GLU B 101 -18.69 1.80 -12.97
CA GLU B 101 -17.65 1.05 -13.64
C GLU B 101 -16.57 0.59 -12.64
N PHE B 102 -16.07 1.52 -11.86
CA PHE B 102 -15.02 1.24 -10.89
C PHE B 102 -15.45 0.30 -9.75
N LEU B 103 -16.76 0.20 -9.51
CA LEU B 103 -17.26 -0.65 -8.44
C LEU B 103 -17.75 -2.03 -8.82
N MET B 104 -18.02 -2.27 -10.10
CA MET B 104 -18.50 -3.59 -10.48
C MET B 104 -17.45 -4.66 -10.20
N SER B 105 -17.92 -5.89 -10.04
CA SER B 105 -17.03 -7.00 -9.75
C SER B 105 -16.07 -7.34 -10.90
N THR B 106 -14.83 -7.68 -10.55
CA THR B 106 -13.80 -8.05 -11.52
C THR B 106 -13.70 -9.57 -11.58
N PRO B 107 -14.05 -10.17 -12.72
CA PRO B 107 -13.97 -11.63 -12.84
C PRO B 107 -12.51 -12.06 -13.01
N LEU B 108 -12.19 -13.23 -12.47
CA LEU B 108 -10.83 -13.77 -12.56
C LEU B 108 -10.85 -15.06 -13.38
N GLU B 109 -9.79 -15.30 -14.15
CA GLU B 109 -9.73 -16.50 -14.97
C GLU B 109 -9.00 -17.65 -14.30
N THR B 110 -9.68 -18.79 -14.20
CA THR B 110 -9.11 -19.97 -13.59
C THR B 110 -9.78 -21.20 -14.18
N ASP B 111 -9.10 -22.34 -14.14
CA ASP B 111 -9.66 -23.58 -14.67
C ASP B 111 -10.30 -24.31 -13.50
N SER B 112 -9.82 -24.01 -12.31
CA SER B 112 -10.30 -24.63 -11.09
C SER B 112 -11.76 -24.32 -10.76
N GLY B 113 -12.36 -23.41 -11.51
CA GLY B 113 -13.74 -23.06 -11.24
C GLY B 113 -14.03 -21.61 -11.55
N GLN B 114 -14.98 -21.01 -10.84
CA GLN B 114 -15.34 -19.62 -11.07
C GLN B 114 -14.84 -18.74 -9.93
N ALA B 115 -14.29 -17.59 -10.29
CA ALA B 115 -13.79 -16.66 -9.28
C ALA B 115 -13.90 -15.22 -9.75
N TYR B 116 -13.92 -14.30 -8.80
CA TYR B 116 -14.02 -12.89 -9.08
C TYR B 116 -13.79 -12.18 -7.77
N TYR B 117 -13.70 -10.86 -7.80
CA TYR B 117 -13.51 -10.13 -6.56
C TYR B 117 -14.37 -8.87 -6.52
N LEU B 118 -14.91 -8.59 -5.33
CA LEU B 118 -15.75 -7.43 -5.09
C LEU B 118 -14.90 -6.26 -4.64
N LYS B 119 -15.37 -5.05 -4.90
CA LYS B 119 -14.66 -3.84 -4.48
C LYS B 119 -15.50 -3.33 -3.32
N GLN B 120 -15.08 -3.64 -2.09
CA GLN B 120 -15.85 -3.21 -0.93
C GLN B 120 -15.18 -2.14 -0.08
N SER B 121 -15.97 -1.49 0.77
CA SER B 121 -15.45 -0.44 1.64
C SER B 121 -14.82 -1.09 2.88
N THR B 122 -13.86 -0.41 3.47
CA THR B 122 -13.20 -0.97 4.64
C THR B 122 -13.49 -0.26 5.94
N GLY B 123 -13.76 1.03 5.89
CA GLY B 123 -14.02 1.74 7.12
C GLY B 123 -13.75 3.23 7.07
N VAL B 124 -13.43 3.81 8.22
CA VAL B 124 -13.15 5.24 8.34
C VAL B 124 -11.72 5.55 7.91
N ILE B 125 -11.59 6.51 7.01
CA ILE B 125 -10.27 6.90 6.52
C ILE B 125 -9.82 8.26 7.05
N LEU B 126 -8.55 8.34 7.43
CA LEU B 126 -7.97 9.59 7.92
C LEU B 126 -7.15 10.23 6.82
N ALA B 127 -7.49 11.48 6.51
CA ALA B 127 -6.77 12.21 5.48
C ALA B 127 -6.02 13.36 6.13
N VAL B 128 -4.73 13.47 5.84
CA VAL B 128 -3.89 14.54 6.37
C VAL B 128 -3.45 15.32 5.14
N GLU B 129 -3.82 16.59 5.06
CA GLU B 129 -3.50 17.38 3.88
C GLU B 129 -2.69 18.65 4.13
N PRO B 130 -2.05 19.18 3.07
CA PRO B 130 -1.25 20.40 3.13
C PRO B 130 -2.02 21.65 2.68
N TRP B 131 -1.38 22.80 2.85
CA TRP B 131 -1.97 24.09 2.51
C TRP B 131 -1.82 24.57 1.06
N ASN B 132 -0.86 24.03 0.32
CA ASN B 132 -0.65 24.49 -1.04
C ASN B 132 -1.86 24.41 -1.97
N PHE B 133 -2.73 23.43 -1.75
CA PHE B 133 -3.94 23.30 -2.56
C PHE B 133 -5.06 22.83 -1.66
N PRO B 134 -5.56 23.75 -0.81
CA PRO B 134 -6.64 23.48 0.13
C PRO B 134 -7.74 22.53 -0.34
N TYR B 135 -8.51 22.94 -1.33
CA TYR B 135 -9.61 22.12 -1.84
C TYR B 135 -9.21 20.93 -2.70
N TYR B 136 -8.25 21.13 -3.59
CA TYR B 136 -7.80 20.05 -4.47
C TYR B 136 -7.27 18.87 -3.65
N GLN B 137 -6.48 19.17 -2.61
CA GLN B 137 -5.90 18.12 -1.77
C GLN B 137 -6.97 17.27 -1.07
N ILE B 138 -8.11 17.88 -0.76
CA ILE B 138 -9.18 17.15 -0.10
C ILE B 138 -9.98 16.35 -1.12
N MET B 139 -10.49 17.03 -2.13
CA MET B 139 -11.28 16.39 -3.16
C MET B 139 -10.54 15.21 -3.78
N ARG B 140 -9.23 15.36 -3.93
CA ARG B 140 -8.39 14.31 -4.51
C ARG B 140 -8.58 12.96 -3.81
N VAL B 141 -8.84 12.99 -2.50
CA VAL B 141 -9.06 11.75 -1.76
C VAL B 141 -10.48 11.57 -1.21
N PHE B 142 -11.21 12.67 -1.06
CA PHE B 142 -12.58 12.57 -0.55
C PHE B 142 -13.53 11.97 -1.58
N ALA B 143 -13.46 12.49 -2.81
CA ALA B 143 -14.33 12.03 -3.88
C ALA B 143 -14.32 10.52 -4.09
N PRO B 144 -13.12 9.91 -4.19
CA PRO B 144 -13.03 8.46 -4.40
C PRO B 144 -13.62 7.64 -3.25
N ASN B 145 -13.16 7.94 -2.04
CA ASN B 145 -13.61 7.25 -0.85
C ASN B 145 -15.09 7.45 -0.55
N PHE B 146 -15.62 8.63 -0.87
CA PHE B 146 -17.03 8.88 -0.64
C PHE B 146 -17.85 7.92 -1.49
N ILE B 147 -17.44 7.74 -2.74
CA ILE B 147 -18.13 6.84 -3.65
C ILE B 147 -18.03 5.40 -3.15
N VAL B 148 -16.82 5.02 -2.76
CA VAL B 148 -16.56 3.69 -2.23
C VAL B 148 -17.46 3.41 -1.02
N GLY B 149 -17.50 4.36 -0.09
CA GLY B 149 -18.32 4.18 1.09
C GLY B 149 -17.45 4.26 2.34
N ASN B 150 -16.34 4.98 2.23
CA ASN B 150 -15.43 5.14 3.36
C ASN B 150 -15.60 6.51 3.98
N PRO B 151 -16.25 6.58 5.15
CA PRO B 151 -16.41 7.90 5.75
C PRO B 151 -15.00 8.48 5.92
N MET B 152 -14.89 9.80 5.91
CA MET B 152 -13.57 10.39 6.03
C MET B 152 -13.44 11.40 7.15
N VAL B 153 -12.24 11.48 7.72
CA VAL B 153 -11.93 12.47 8.76
C VAL B 153 -10.67 13.16 8.26
N LEU B 154 -10.72 14.49 8.25
CA LEU B 154 -9.63 15.30 7.74
C LEU B 154 -8.90 16.21 8.72
N LYS B 155 -7.58 16.17 8.65
CA LYS B 155 -6.75 17.03 9.47
C LYS B 155 -5.99 17.84 8.43
N HIS B 156 -6.41 19.09 8.24
CA HIS B 156 -5.78 19.95 7.26
C HIS B 156 -4.66 20.73 7.92
N ALA B 157 -4.02 21.61 7.16
CA ALA B 157 -2.92 22.42 7.69
C ALA B 157 -3.48 23.52 8.61
N SER B 158 -2.68 23.92 9.59
CA SER B 158 -3.10 24.93 10.55
C SER B 158 -3.26 26.34 10.00
N ILE B 159 -2.76 26.59 8.78
CA ILE B 159 -2.89 27.93 8.21
C ILE B 159 -4.07 28.09 7.24
N CYS B 160 -4.78 27.00 6.96
CA CYS B 160 -5.93 27.08 6.07
C CYS B 160 -7.19 26.46 6.67
N PRO B 161 -7.53 26.83 7.92
CA PRO B 161 -8.69 26.35 8.66
C PRO B 161 -10.06 26.70 8.11
N ARG B 162 -10.16 27.85 7.46
CA ARG B 162 -11.44 28.25 6.88
C ARG B 162 -11.79 27.35 5.70
N SER B 163 -10.78 26.96 4.94
CA SER B 163 -11.00 26.10 3.78
C SER B 163 -11.37 24.68 4.20
N ALA B 164 -10.72 24.22 5.26
CA ALA B 164 -10.97 22.89 5.79
C ALA B 164 -12.37 22.83 6.37
N GLN B 165 -12.70 23.83 7.21
CA GLN B 165 -14.01 23.89 7.82
C GLN B 165 -15.09 24.01 6.74
N SER B 166 -14.93 24.99 5.86
CA SER B 166 -15.89 25.23 4.78
C SER B 166 -16.13 24.06 3.83
N PHE B 167 -15.15 23.17 3.70
CA PHE B 167 -15.29 22.01 2.81
C PHE B 167 -16.28 21.03 3.42
N GLU B 168 -16.29 20.94 4.75
CA GLU B 168 -17.21 20.04 5.45
C GLU B 168 -18.63 20.53 5.21
N GLU B 169 -18.83 21.83 5.35
CA GLU B 169 -20.14 22.44 5.14
C GLU B 169 -20.58 22.23 3.70
N LEU B 170 -19.63 22.32 2.78
CA LEU B 170 -19.92 22.14 1.37
C LEU B 170 -20.57 20.79 1.13
N VAL B 171 -19.97 19.76 1.72
CA VAL B 171 -20.46 18.41 1.56
C VAL B 171 -21.83 18.24 2.25
N LEU B 172 -22.00 18.89 3.40
CA LEU B 172 -23.27 18.81 4.11
C LEU B 172 -24.34 19.52 3.30
N GLU B 173 -24.00 20.70 2.79
CA GLU B 173 -24.91 21.49 2.00
C GLU B 173 -25.34 20.73 0.75
N ALA B 174 -24.53 19.76 0.34
CA ALA B 174 -24.83 18.97 -0.86
C ALA B 174 -25.81 17.83 -0.61
N GLY B 175 -26.17 17.62 0.66
CA GLY B 175 -27.11 16.56 1.00
C GLY B 175 -26.44 15.33 1.57
N ALA B 176 -25.14 15.41 1.79
CA ALA B 176 -24.39 14.28 2.32
C ALA B 176 -24.68 14.11 3.80
N GLU B 177 -24.76 12.85 4.23
CA GLU B 177 -25.03 12.57 5.63
C GLU B 177 -23.86 13.00 6.53
N ALA B 178 -24.20 13.60 7.67
CA ALA B 178 -23.19 14.04 8.61
C ALA B 178 -22.26 12.87 8.87
N GLY B 179 -20.95 13.13 8.76
CA GLY B 179 -20.00 12.07 8.98
C GLY B 179 -19.35 11.61 7.68
N SER B 180 -19.92 12.00 6.54
CA SER B 180 -19.34 11.63 5.25
C SER B 180 -17.88 12.10 5.27
N ILE B 181 -17.68 13.28 5.84
CA ILE B 181 -16.35 13.85 6.01
C ILE B 181 -16.48 14.90 7.09
N THR B 182 -15.60 14.81 8.07
CA THR B 182 -15.61 15.74 9.19
C THR B 182 -14.21 16.33 9.30
N ASN B 183 -14.14 17.65 9.42
CA ASN B 183 -12.85 18.31 9.57
C ASN B 183 -12.44 18.20 11.04
N LEU B 184 -11.15 18.06 11.30
CA LEU B 184 -10.68 17.93 12.68
C LEU B 184 -9.61 18.96 13.03
N PHE B 185 -9.94 19.88 13.92
CA PHE B 185 -8.98 20.88 14.38
C PHE B 185 -8.26 20.26 15.55
N ILE B 186 -7.47 19.23 15.26
CA ILE B 186 -6.74 18.50 16.28
C ILE B 186 -5.23 18.68 16.22
N SER B 187 -4.55 18.28 17.29
CA SER B 187 -3.10 18.37 17.38
C SER B 187 -2.51 17.07 16.85
N TYR B 188 -1.19 17.00 16.76
CA TYR B 188 -0.55 15.77 16.26
C TYR B 188 -0.62 14.64 17.27
N ASP B 189 -0.95 14.97 18.51
CA ASP B 189 -1.09 13.94 19.53
C ASP B 189 -2.43 13.27 19.33
N GLN B 190 -3.40 14.06 18.92
CA GLN B 190 -4.73 13.55 18.67
C GLN B 190 -4.72 12.78 17.36
N VAL B 191 -3.79 13.12 16.48
CA VAL B 191 -3.69 12.42 15.20
C VAL B 191 -3.23 10.99 15.44
N SER B 192 -2.30 10.82 16.38
CA SER B 192 -1.81 9.48 16.67
C SER B 192 -2.90 8.66 17.34
N GLN B 193 -3.76 9.32 18.10
CA GLN B 193 -4.87 8.64 18.77
C GLN B 193 -5.87 8.14 17.73
N VAL B 194 -6.17 9.01 16.76
CA VAL B 194 -7.10 8.70 15.67
C VAL B 194 -6.56 7.49 14.93
N ILE B 195 -5.27 7.51 14.61
CA ILE B 195 -4.65 6.41 13.91
C ILE B 195 -4.70 5.11 14.73
N ALA B 196 -4.52 5.23 16.04
CA ALA B 196 -4.53 4.08 16.93
C ALA B 196 -5.94 3.54 17.20
N ASP B 197 -6.95 4.31 16.80
CA ASP B 197 -8.34 3.90 17.01
C ASP B 197 -8.71 2.78 16.04
N LYS B 198 -9.29 1.70 16.58
CA LYS B 198 -9.67 0.55 15.76
C LYS B 198 -10.77 0.86 14.75
N ARG B 199 -11.41 2.01 14.88
CA ARG B 199 -12.46 2.39 13.95
C ARG B 199 -11.89 3.00 12.66
N VAL B 200 -10.60 3.34 12.68
CA VAL B 200 -9.91 3.90 11.53
C VAL B 200 -9.08 2.80 10.86
N VAL B 201 -9.32 2.59 9.57
CA VAL B 201 -8.68 1.53 8.81
C VAL B 201 -7.47 1.88 7.94
N GLY B 202 -7.32 3.16 7.61
CA GLY B 202 -6.20 3.56 6.78
C GLY B 202 -5.94 5.05 6.82
N VAL B 203 -4.75 5.47 6.40
CA VAL B 203 -4.39 6.88 6.39
C VAL B 203 -3.77 7.29 5.09
N CYS B 204 -4.21 8.43 4.56
CA CYS B 204 -3.62 8.95 3.33
C CYS B 204 -3.10 10.36 3.62
N LEU B 205 -1.78 10.52 3.52
CA LEU B 205 -1.19 11.80 3.81
C LEU B 205 -0.40 12.43 2.67
N THR B 206 -0.65 13.72 2.48
CA THR B 206 0.02 14.53 1.47
C THR B 206 0.74 15.60 2.31
N GLY B 207 2.06 15.71 2.19
CA GLY B 207 2.76 16.71 2.96
C GLY B 207 4.27 16.57 2.97
N SER B 208 4.88 16.91 4.09
CA SER B 208 6.34 16.85 4.25
C SER B 208 6.85 15.49 4.71
N GLU B 209 8.15 15.27 4.52
CA GLU B 209 8.79 14.03 4.93
C GLU B 209 8.67 13.85 6.44
N ARG B 210 8.90 14.93 7.17
CA ARG B 210 8.83 14.95 8.62
C ARG B 210 7.51 14.34 9.10
N GLY B 211 6.42 14.91 8.61
CA GLY B 211 5.11 14.43 8.99
C GLY B 211 4.79 13.07 8.43
N GLY B 212 5.25 12.82 7.21
CA GLY B 212 5.00 11.55 6.57
C GLY B 212 5.62 10.42 7.37
N ALA B 213 6.88 10.58 7.75
CA ALA B 213 7.58 9.55 8.52
C ALA B 213 6.87 9.36 9.84
N SER B 214 6.54 10.48 10.49
CA SER B 214 5.87 10.43 11.78
C SER B 214 4.56 9.65 11.72
N ILE B 215 3.66 10.07 10.83
CA ILE B 215 2.37 9.41 10.66
C ILE B 215 2.50 7.96 10.18
N ALA B 216 3.33 7.74 9.16
CA ALA B 216 3.52 6.39 8.63
C ALA B 216 3.91 5.42 9.73
N GLU B 217 4.81 5.86 10.60
CA GLU B 217 5.29 5.07 11.70
C GLU B 217 4.16 4.69 12.66
N GLU B 218 3.36 5.67 13.05
CA GLU B 218 2.23 5.43 13.94
C GLU B 218 1.27 4.51 13.22
N ALA B 219 1.11 4.73 11.92
CA ALA B 219 0.20 3.91 11.13
C ALA B 219 0.65 2.46 11.12
N GLY B 220 1.95 2.26 10.90
CA GLY B 220 2.50 0.92 10.85
C GLY B 220 2.49 0.20 12.18
N LYS B 221 2.55 0.98 13.27
CA LYS B 221 2.51 0.42 14.61
C LYS B 221 1.12 -0.12 14.90
N ASN B 222 0.13 0.38 14.18
CA ASN B 222 -1.23 -0.08 14.35
C ASN B 222 -1.78 -0.80 13.13
N LEU B 223 -0.89 -1.43 12.37
CA LEU B 223 -1.26 -2.20 11.17
C LEU B 223 -2.24 -1.51 10.21
N LYS B 224 -2.15 -0.19 10.10
CA LYS B 224 -3.03 0.54 9.20
C LYS B 224 -2.35 0.82 7.87
N LYS B 225 -3.08 0.64 6.77
CA LYS B 225 -2.53 0.89 5.44
C LYS B 225 -2.39 2.39 5.21
N THR B 226 -1.36 2.77 4.45
CA THR B 226 -1.13 4.18 4.17
C THR B 226 -0.75 4.44 2.72
N THR B 227 -0.71 5.71 2.37
CA THR B 227 -0.29 6.16 1.05
C THR B 227 0.31 7.52 1.34
N LEU B 228 1.56 7.73 0.90
CA LEU B 228 2.21 9.00 1.13
C LEU B 228 2.46 9.76 -0.17
N GLU B 229 2.06 11.02 -0.18
CA GLU B 229 2.25 11.91 -1.32
C GLU B 229 3.16 12.98 -0.75
N LEU B 230 4.46 12.75 -0.82
CA LEU B 230 5.39 13.71 -0.26
C LEU B 230 5.89 14.69 -1.31
N GLY B 231 6.95 15.43 -0.98
CA GLY B 231 7.48 16.43 -1.91
C GLY B 231 8.22 15.94 -3.14
N GLY B 232 8.53 16.90 -4.01
CA GLY B 232 9.26 16.61 -5.23
C GLY B 232 10.37 17.61 -5.52
N ASP B 233 11.29 17.22 -6.40
CA ASP B 233 12.41 18.06 -6.82
C ASP B 233 12.54 17.74 -8.30
N ASP B 234 11.41 17.91 -8.98
CA ASP B 234 11.24 17.64 -10.40
C ASP B 234 12.26 18.22 -11.37
N ALA B 235 12.68 17.37 -12.30
CA ALA B 235 13.63 17.74 -13.33
C ALA B 235 12.93 18.08 -14.66
N PHE B 236 13.20 19.29 -15.15
CA PHE B 236 12.65 19.79 -16.39
C PHE B 236 13.81 19.72 -17.37
N ILE B 237 13.85 18.64 -18.14
CA ILE B 237 14.93 18.40 -19.10
C ILE B 237 14.63 18.95 -20.48
N ILE B 238 15.55 19.76 -20.99
CA ILE B 238 15.42 20.36 -22.32
C ILE B 238 16.39 19.69 -23.29
N LEU B 239 15.86 18.85 -24.17
CA LEU B 239 16.70 18.14 -25.13
C LEU B 239 17.09 19.02 -26.32
N ASP B 240 18.00 18.53 -27.15
CA ASP B 240 18.45 19.32 -28.30
C ASP B 240 17.37 19.75 -29.31
N ASP B 241 16.30 18.97 -29.45
CA ASP B 241 15.24 19.32 -30.40
C ASP B 241 14.02 19.98 -29.75
N ALA B 242 14.22 20.60 -28.60
CA ALA B 242 13.14 21.26 -27.89
C ALA B 242 12.65 22.47 -28.68
N ASP B 243 11.34 22.69 -28.67
CA ASP B 243 10.74 23.83 -29.34
C ASP B 243 10.84 24.99 -28.36
N TRP B 244 11.60 26.02 -28.72
CA TRP B 244 11.77 27.14 -27.80
C TRP B 244 10.66 28.18 -27.78
N ASP B 245 9.86 28.24 -28.83
CA ASP B 245 8.76 29.20 -28.85
C ASP B 245 7.70 28.63 -27.91
N GLN B 246 7.56 27.31 -27.94
CA GLN B 246 6.60 26.63 -27.09
C GLN B 246 7.15 26.61 -25.66
N LEU B 247 8.45 26.37 -25.53
CA LEU B 247 9.12 26.34 -24.24
C LEU B 247 8.93 27.65 -23.49
N GLU B 248 8.95 28.75 -24.22
CA GLU B 248 8.78 30.06 -23.62
C GLU B 248 7.38 30.25 -23.04
N LYS B 249 6.41 29.58 -23.64
CA LYS B 249 5.03 29.67 -23.18
C LYS B 249 4.74 28.95 -21.87
N VAL B 250 5.52 27.93 -21.54
CA VAL B 250 5.27 27.18 -20.32
C VAL B 250 6.18 27.54 -19.14
N LEU B 251 7.34 28.11 -19.42
CA LEU B 251 8.29 28.45 -18.36
C LEU B 251 7.75 29.16 -17.11
N TYR B 252 6.99 30.23 -17.30
CA TYR B 252 6.45 30.98 -16.16
C TYR B 252 5.64 30.06 -15.25
N PHE B 253 4.66 29.40 -15.85
CA PHE B 253 3.80 28.49 -15.12
C PHE B 253 4.61 27.38 -14.46
N SER B 254 5.54 26.79 -15.20
CA SER B 254 6.37 25.69 -14.73
C SER B 254 7.04 25.87 -13.38
N ARG B 255 7.48 27.08 -13.08
CA ARG B 255 8.16 27.32 -11.81
C ARG B 255 7.59 28.43 -10.93
N LEU B 256 6.75 29.30 -11.49
CA LEU B 256 6.21 30.40 -10.69
C LEU B 256 4.74 30.26 -10.31
N TYR B 257 4.11 29.20 -10.79
CA TYR B 257 2.71 28.95 -10.46
C TYR B 257 2.62 28.71 -8.95
N ASN B 258 1.67 29.37 -8.29
CA ASN B 258 1.47 29.22 -6.85
C ASN B 258 2.77 29.59 -6.14
N ALA B 259 3.48 30.58 -6.70
CA ALA B 259 4.74 31.08 -6.16
C ALA B 259 5.81 30.01 -5.97
N GLY B 260 5.70 28.92 -6.72
CA GLY B 260 6.67 27.85 -6.62
C GLY B 260 6.35 26.86 -5.51
N GLN B 261 5.17 27.01 -4.91
CA GLN B 261 4.72 26.13 -3.84
C GLN B 261 3.91 24.97 -4.39
N VAL B 262 4.55 24.16 -5.22
CA VAL B 262 3.91 23.01 -5.83
C VAL B 262 4.87 21.84 -5.75
N CYS B 263 4.38 20.68 -5.30
CA CYS B 263 5.24 19.50 -5.19
C CYS B 263 5.77 19.10 -6.58
N THR B 264 4.96 19.28 -7.63
CA THR B 264 5.41 18.96 -8.97
C THR B 264 5.87 20.21 -9.72
N SER B 265 6.43 21.16 -8.99
CA SER B 265 6.96 22.38 -9.59
C SER B 265 8.24 21.94 -10.31
N SER B 266 8.62 22.67 -11.35
CA SER B 266 9.81 22.33 -12.11
C SER B 266 11.03 22.88 -11.41
N LYS B 267 11.32 22.34 -10.23
CA LYS B 267 12.41 22.80 -9.41
C LYS B 267 13.80 22.76 -10.04
N ARG B 268 14.09 21.71 -10.81
CA ARG B 268 15.41 21.58 -11.41
C ARG B 268 15.41 21.65 -12.93
N PHE B 269 16.06 22.68 -13.45
CA PHE B 269 16.16 22.86 -14.89
C PHE B 269 17.46 22.27 -15.37
N ILE B 270 17.36 21.24 -16.19
CA ILE B 270 18.53 20.58 -16.75
C ILE B 270 18.63 20.97 -18.22
N VAL B 271 19.70 21.67 -18.55
CA VAL B 271 19.91 22.16 -19.91
C VAL B 271 21.31 21.82 -20.45
N LEU B 272 21.40 21.66 -21.77
CA LEU B 272 22.64 21.33 -22.44
C LEU B 272 23.62 22.50 -22.49
N ASP B 273 24.90 22.16 -22.62
CA ASP B 273 25.97 23.14 -22.69
C ASP B 273 25.69 24.19 -23.76
N LYS B 274 25.23 23.74 -24.93
CA LYS B 274 24.94 24.65 -26.02
C LYS B 274 23.80 25.62 -25.70
N ASP B 275 22.82 25.15 -24.94
CA ASP B 275 21.69 26.01 -24.60
C ASP B 275 21.80 26.74 -23.24
N TYR B 276 22.82 26.42 -22.45
CA TYR B 276 23.01 27.03 -21.13
C TYR B 276 22.80 28.55 -21.09
N ASP B 277 23.62 29.28 -21.82
CA ASP B 277 23.53 30.75 -21.86
C ASP B 277 22.17 31.22 -22.36
N ARG B 278 21.69 30.60 -23.42
CA ARG B 278 20.40 30.96 -23.98
C ARG B 278 19.29 30.78 -22.94
N PHE B 279 19.32 29.66 -22.23
CA PHE B 279 18.30 29.42 -21.22
C PHE B 279 18.36 30.42 -20.08
N LYS B 280 19.56 30.76 -19.63
CA LYS B 280 19.69 31.73 -18.54
C LYS B 280 19.01 33.02 -18.92
N GLU B 281 19.12 33.41 -20.19
CA GLU B 281 18.52 34.64 -20.67
C GLU B 281 17.01 34.56 -20.72
N LEU B 282 16.50 33.41 -21.15
CA LEU B 282 15.07 33.20 -21.26
C LEU B 282 14.38 33.08 -19.91
N LEU B 283 14.98 32.31 -19.00
CA LEU B 283 14.38 32.16 -17.69
C LEU B 283 14.36 33.53 -17.01
N THR B 284 15.40 34.30 -17.25
CA THR B 284 15.51 35.64 -16.69
C THR B 284 14.47 36.56 -17.31
N LYS B 285 14.31 36.47 -18.61
CA LYS B 285 13.34 37.30 -19.30
C LYS B 285 11.95 37.00 -18.71
N VAL B 286 11.66 35.72 -18.49
CA VAL B 286 10.38 35.29 -17.95
C VAL B 286 10.16 35.69 -16.48
N PHE B 287 11.16 35.50 -15.66
CA PHE B 287 11.05 35.86 -14.24
C PHE B 287 10.87 37.36 -14.03
N LYS B 288 11.32 38.15 -15.00
CA LYS B 288 11.20 39.61 -14.91
C LYS B 288 9.78 40.12 -15.10
N THR B 289 8.92 39.31 -15.71
CA THR B 289 7.54 39.73 -15.95
C THR B 289 6.62 39.51 -14.75
N ALA B 290 7.19 39.11 -13.62
CA ALA B 290 6.40 38.87 -12.43
C ALA B 290 5.90 40.15 -11.76
N LYS B 291 4.59 40.27 -11.68
CA LYS B 291 3.94 41.42 -11.05
C LYS B 291 3.39 40.93 -9.70
N TRP B 292 4.11 41.22 -8.62
CA TRP B 292 3.65 40.78 -7.31
C TRP B 292 2.77 41.86 -6.68
N GLY B 293 1.92 41.43 -5.74
CA GLY B 293 1.04 42.37 -5.09
C GLY B 293 -0.18 41.68 -4.53
N ASP B 294 -1.27 42.43 -4.38
CA ASP B 294 -2.51 41.90 -3.85
C ASP B 294 -2.98 40.71 -4.70
N PRO B 295 -3.11 39.53 -4.07
CA PRO B 295 -3.54 38.31 -4.76
C PRO B 295 -5.01 38.31 -5.18
N MET B 296 -5.76 39.31 -4.73
CA MET B 296 -7.17 39.42 -5.11
C MET B 296 -7.28 40.23 -6.39
N ASP B 297 -6.25 41.05 -6.64
CA ASP B 297 -6.18 41.89 -7.83
C ASP B 297 -5.92 41.03 -9.07
N PRO B 298 -6.76 41.19 -10.11
CA PRO B 298 -6.68 40.46 -11.38
C PRO B 298 -5.37 40.58 -12.15
N GLU B 299 -4.66 41.69 -11.96
CA GLU B 299 -3.41 41.90 -12.69
C GLU B 299 -2.13 41.51 -11.94
N THR B 300 -2.28 40.82 -10.81
CA THR B 300 -1.12 40.37 -10.05
C THR B 300 -0.76 38.97 -10.57
N THR B 301 0.53 38.73 -10.80
CA THR B 301 0.96 37.43 -11.30
C THR B 301 1.91 36.69 -10.37
N LEU B 302 2.19 37.26 -9.22
CA LEU B 302 3.06 36.60 -8.26
C LEU B 302 2.51 36.84 -6.85
N ALA B 303 2.04 35.78 -6.22
CA ALA B 303 1.47 35.85 -4.88
C ALA B 303 2.57 35.77 -3.83
N PRO B 304 2.22 36.04 -2.57
CA PRO B 304 3.23 35.95 -1.51
C PRO B 304 3.19 34.52 -1.00
N LEU B 305 4.25 34.06 -0.37
CA LEU B 305 4.25 32.71 0.16
C LEU B 305 3.18 32.60 1.27
N SER B 306 2.71 31.38 1.52
CA SER B 306 1.66 31.11 2.50
C SER B 306 1.91 31.53 3.96
N SER B 307 3.17 31.57 4.40
CA SER B 307 3.42 31.96 5.78
C SER B 307 4.80 32.59 5.97
N ALA B 308 4.94 33.38 7.03
CA ALA B 308 6.20 34.04 7.34
C ALA B 308 7.34 33.03 7.48
N GLN B 309 7.01 31.83 7.95
CA GLN B 309 8.01 30.79 8.12
C GLN B 309 8.47 30.29 6.76
N ALA B 310 7.52 30.08 5.85
CA ALA B 310 7.83 29.61 4.51
C ALA B 310 8.84 30.57 3.85
N LYS B 311 8.52 31.86 3.92
CA LYS B 311 9.39 32.89 3.35
C LYS B 311 10.77 32.82 3.98
N ALA B 312 10.79 32.68 5.30
CA ALA B 312 12.05 32.58 6.01
C ALA B 312 12.83 31.37 5.51
N ASP B 313 12.12 30.27 5.27
CA ASP B 313 12.76 29.05 4.79
C ASP B 313 13.33 29.14 3.38
N VAL B 314 12.54 29.66 2.45
CA VAL B 314 12.99 29.81 1.07
C VAL B 314 14.20 30.74 1.00
N LEU B 315 14.18 31.81 1.77
CA LEU B 315 15.29 32.75 1.80
C LEU B 315 16.55 32.09 2.39
N ASP B 316 16.39 31.39 3.51
CA ASP B 316 17.53 30.72 4.14
C ASP B 316 18.15 29.75 3.15
N GLN B 317 17.30 29.14 2.34
CA GLN B 317 17.74 28.17 1.35
C GLN B 317 18.55 28.81 0.26
N ILE B 318 18.12 30.00 -0.21
CA ILE B 318 18.85 30.72 -1.24
C ILE B 318 20.22 31.10 -0.67
N LYS B 319 20.19 31.74 0.50
CA LYS B 319 21.40 32.14 1.19
C LYS B 319 22.37 30.95 1.21
N LEU B 320 21.95 29.87 1.87
CA LEU B 320 22.77 28.66 1.96
C LEU B 320 23.37 28.23 0.63
N ALA B 321 22.58 28.27 -0.43
CA ALA B 321 23.06 27.89 -1.77
C ALA B 321 24.25 28.75 -2.16
N LEU B 322 24.06 30.06 -2.04
CA LEU B 322 25.09 31.04 -2.37
C LEU B 322 26.33 30.88 -1.48
N ASP B 323 26.11 30.52 -0.21
CA ASP B 323 27.23 30.34 0.70
C ASP B 323 28.07 29.11 0.35
N HIS B 324 27.55 28.25 -0.52
CA HIS B 324 28.27 27.04 -0.91
C HIS B 324 28.74 26.99 -2.36
N GLY B 325 28.70 28.12 -3.06
CA GLY B 325 29.18 28.14 -4.43
C GLY B 325 28.19 28.50 -5.52
N ALA B 326 26.90 28.34 -5.25
CA ALA B 326 25.88 28.64 -6.24
C ALA B 326 26.04 30.05 -6.79
N GLU B 327 25.69 30.22 -8.07
CA GLU B 327 25.79 31.50 -8.74
C GLU B 327 24.42 32.17 -8.78
N LEU B 328 24.37 33.44 -8.38
CA LEU B 328 23.11 34.17 -8.40
C LEU B 328 22.93 34.75 -9.80
N VAL B 329 21.97 34.21 -10.53
CA VAL B 329 21.70 34.67 -11.88
C VAL B 329 20.69 35.81 -11.94
N TYR B 330 19.70 35.79 -11.06
CA TYR B 330 18.67 36.82 -11.03
C TYR B 330 17.95 36.90 -9.68
N GLY B 331 17.33 38.04 -9.41
CA GLY B 331 16.60 38.24 -8.17
C GLY B 331 17.45 38.24 -6.93
N GLY B 332 16.85 37.85 -5.80
CA GLY B 332 17.59 37.82 -4.55
C GLY B 332 17.40 39.13 -3.80
N GLU B 333 16.65 40.04 -4.40
CA GLU B 333 16.38 41.35 -3.80
C GLU B 333 15.21 41.19 -2.83
N ALA B 334 15.39 41.63 -1.60
CA ALA B 334 14.31 41.53 -0.62
C ALA B 334 13.21 42.52 -0.98
N ILE B 335 11.95 42.13 -0.77
CA ILE B 335 10.83 43.01 -1.07
C ILE B 335 10.34 43.70 0.20
N ASP B 336 9.98 44.98 0.05
CA ASP B 336 9.48 45.79 1.16
C ASP B 336 7.96 45.88 1.12
N HIS B 337 7.32 45.08 1.96
CA HIS B 337 5.86 45.06 2.03
C HIS B 337 5.44 44.09 3.12
N PRO B 338 4.35 44.40 3.84
CA PRO B 338 3.84 43.55 4.92
C PRO B 338 3.65 42.09 4.53
N GLY B 339 3.28 41.86 3.27
CA GLY B 339 3.06 40.52 2.78
C GLY B 339 4.28 39.61 2.82
N HIS B 340 4.05 38.31 2.85
CA HIS B 340 5.12 37.32 2.88
C HIS B 340 5.65 37.10 1.47
N PHE B 341 6.15 38.17 0.85
CA PHE B 341 6.66 38.08 -0.52
C PHE B 341 8.14 37.71 -0.65
N VAL B 342 8.44 36.98 -1.72
CA VAL B 342 9.79 36.56 -2.06
C VAL B 342 9.86 36.72 -3.57
N MET B 343 10.75 37.58 -4.06
CA MET B 343 10.84 37.81 -5.49
C MET B 343 11.47 36.64 -6.20
N PRO B 344 11.04 36.39 -7.46
CA PRO B 344 11.59 35.29 -8.26
C PRO B 344 13.09 35.38 -8.22
N THR B 345 13.75 34.24 -8.07
CA THR B 345 15.20 34.21 -7.99
C THR B 345 15.71 33.05 -8.82
N ILE B 346 16.84 33.23 -9.48
CA ILE B 346 17.41 32.17 -10.29
C ILE B 346 18.85 31.90 -9.86
N ILE B 347 19.17 30.64 -9.64
CA ILE B 347 20.52 30.27 -9.25
C ILE B 347 21.01 29.14 -10.12
N ALA B 348 22.33 29.14 -10.36
CA ALA B 348 22.96 28.11 -11.17
C ALA B 348 24.29 27.84 -10.51
N GLY B 349 25.20 27.22 -11.26
CA GLY B 349 26.51 26.92 -10.69
C GLY B 349 26.38 25.98 -9.50
N LEU B 350 25.39 25.10 -9.56
CA LEU B 350 25.14 24.13 -8.49
C LEU B 350 25.96 22.87 -8.69
N THR B 351 26.53 22.37 -7.60
CA THR B 351 27.35 21.16 -7.66
C THR B 351 26.91 20.21 -6.55
N LYS B 352 27.36 18.97 -6.63
CA LYS B 352 27.00 17.96 -5.64
C LYS B 352 27.45 18.28 -4.21
N ASP B 353 28.56 19.00 -4.04
CA ASP B 353 29.02 19.32 -2.68
C ASP B 353 28.20 20.44 -2.04
N ASN B 354 27.25 20.98 -2.81
CA ASN B 354 26.35 22.02 -2.33
C ASN B 354 25.08 21.34 -1.81
N PRO B 355 24.75 21.54 -0.52
CA PRO B 355 23.55 20.90 0.02
C PRO B 355 22.25 21.24 -0.70
N ILE B 356 22.15 22.44 -1.23
CA ILE B 356 20.92 22.82 -1.93
C ILE B 356 20.68 21.98 -3.18
N TYR B 357 21.75 21.43 -3.74
CA TYR B 357 21.66 20.60 -4.94
C TYR B 357 20.68 19.44 -4.73
N TYR B 358 20.54 18.98 -3.50
CA TYR B 358 19.65 17.87 -3.21
C TYR B 358 18.40 18.28 -2.42
N GLN B 359 18.24 19.56 -2.17
CA GLN B 359 17.09 20.05 -1.43
C GLN B 359 15.97 20.60 -2.28
N GLU B 360 14.76 20.57 -1.74
CA GLU B 360 13.60 21.07 -2.45
C GLU B 360 13.29 22.48 -1.92
N ILE B 361 13.21 23.44 -2.83
CA ILE B 361 12.90 24.82 -2.45
C ILE B 361 11.46 25.09 -2.82
N PHE B 362 10.61 25.20 -1.81
CA PHE B 362 9.19 25.43 -2.00
C PHE B 362 8.90 26.94 -2.18
N GLY B 363 9.57 27.53 -3.17
CA GLY B 363 9.40 28.94 -3.44
C GLY B 363 9.67 29.27 -4.89
N PRO B 364 9.69 30.57 -5.25
CA PRO B 364 9.94 31.05 -6.63
C PRO B 364 11.43 31.07 -6.98
N VAL B 365 12.08 29.94 -6.83
CA VAL B 365 13.50 29.88 -7.11
C VAL B 365 13.87 28.97 -8.27
N GLY B 366 14.27 29.54 -9.39
CA GLY B 366 14.69 28.73 -10.52
C GLY B 366 16.10 28.19 -10.28
N GLU B 367 16.35 26.93 -10.64
CA GLU B 367 17.66 26.30 -10.48
C GLU B 367 18.12 25.71 -11.80
N ILE B 368 19.25 26.19 -12.31
CA ILE B 368 19.77 25.72 -13.59
C ILE B 368 20.96 24.78 -13.47
N TYR B 369 20.79 23.59 -14.03
CA TYR B 369 21.83 22.56 -14.03
C TYR B 369 22.32 22.39 -15.46
N LYS B 370 23.64 22.42 -15.65
CA LYS B 370 24.22 22.31 -16.98
C LYS B 370 24.83 20.94 -17.26
N VAL B 371 24.35 20.29 -18.32
CA VAL B 371 24.87 18.98 -18.69
C VAL B 371 25.37 19.02 -20.14
N SER B 372 26.13 18.00 -20.52
CA SER B 372 26.69 17.92 -21.87
C SER B 372 26.02 16.89 -22.79
N SER B 373 25.04 16.17 -22.26
CA SER B 373 24.35 15.17 -23.08
C SER B 373 23.13 14.62 -22.38
N GLU B 374 22.35 13.82 -23.10
CA GLU B 374 21.16 13.20 -22.56
C GLU B 374 21.55 12.24 -21.45
N GLU B 375 22.61 11.49 -21.70
CA GLU B 375 23.11 10.55 -20.72
C GLU B 375 23.30 11.31 -19.40
N GLU B 376 24.00 12.43 -19.46
CA GLU B 376 24.24 13.23 -18.26
C GLU B 376 22.97 13.80 -17.68
N ALA B 377 22.07 14.26 -18.56
CA ALA B 377 20.79 14.83 -18.12
C ALA B 377 20.06 13.79 -17.27
N ILE B 378 19.90 12.59 -17.83
CA ILE B 378 19.23 11.50 -17.13
C ILE B 378 19.92 11.21 -15.81
N GLU B 379 21.25 11.32 -15.80
CA GLU B 379 22.00 11.06 -14.58
C GLU B 379 21.70 12.10 -13.50
N VAL B 380 21.76 13.38 -13.85
CA VAL B 380 21.48 14.43 -12.88
C VAL B 380 20.04 14.27 -12.39
N ALA B 381 19.13 14.02 -13.32
CA ALA B 381 17.72 13.85 -12.99
C ALA B 381 17.52 12.76 -11.95
N ASN B 382 18.20 11.63 -12.11
CA ASN B 382 18.01 10.54 -11.16
C ASN B 382 18.85 10.71 -9.90
N ASP B 383 19.72 11.71 -9.90
CA ASP B 383 20.57 11.94 -8.73
C ASP B 383 19.76 12.77 -7.74
N SER B 384 18.80 12.11 -7.10
CA SER B 384 17.92 12.79 -6.18
C SER B 384 17.19 11.81 -5.26
N ASN B 385 16.80 12.29 -4.08
CA ASN B 385 16.08 11.45 -3.13
C ASN B 385 14.59 11.51 -3.48
N TYR B 386 14.26 12.38 -4.42
CA TYR B 386 12.88 12.54 -4.84
C TYR B 386 12.64 11.88 -6.18
N GLY B 387 11.36 11.64 -6.45
CA GLY B 387 10.96 11.03 -7.70
C GLY B 387 9.46 11.18 -7.90
N LEU B 388 9.00 12.42 -7.93
CA LEU B 388 7.58 12.67 -8.13
C LEU B 388 7.24 12.86 -9.60
N GLY B 389 7.47 14.08 -10.10
CA GLY B 389 7.18 14.35 -11.50
C GLY B 389 8.41 14.64 -12.33
N GLY B 390 8.29 15.64 -13.20
CA GLY B 390 9.39 16.00 -14.07
C GLY B 390 8.88 16.26 -15.47
N THR B 391 9.71 16.94 -16.27
CA THR B 391 9.33 17.27 -17.64
C THR B 391 10.41 16.97 -18.64
N ILE B 392 10.00 16.56 -19.84
CA ILE B 392 10.91 16.29 -20.94
C ILE B 392 10.47 17.20 -22.09
N PHE B 393 11.36 18.04 -22.57
CA PHE B 393 11.03 18.97 -23.66
C PHE B 393 11.77 18.61 -24.93
N SER B 394 11.02 18.14 -25.92
CA SER B 394 11.57 17.71 -27.20
C SER B 394 10.45 17.71 -28.24
N SER B 395 10.71 18.28 -29.42
CA SER B 395 9.70 18.32 -30.46
C SER B 395 9.40 16.93 -31.01
N ASN B 396 10.28 15.97 -30.74
CA ASN B 396 10.10 14.59 -31.19
C ASN B 396 9.52 13.82 -30.02
N GLN B 397 8.23 13.51 -30.09
CA GLN B 397 7.58 12.83 -28.98
C GLN B 397 8.04 11.39 -28.76
N GLU B 398 8.38 10.70 -29.85
CA GLU B 398 8.86 9.33 -29.73
C GLU B 398 10.14 9.41 -28.90
N HIS B 399 10.90 10.46 -29.13
CA HIS B 399 12.15 10.69 -28.43
C HIS B 399 11.93 11.06 -26.96
N ALA B 400 11.03 11.99 -26.71
CA ALA B 400 10.76 12.41 -25.34
C ALA B 400 10.32 11.20 -24.51
N LYS B 401 9.44 10.39 -25.07
CA LYS B 401 8.93 9.19 -24.40
C LYS B 401 10.08 8.23 -24.04
N ALA B 402 10.99 8.04 -24.98
CA ALA B 402 12.14 7.17 -24.77
C ALA B 402 12.94 7.62 -23.56
N VAL B 403 13.22 8.92 -23.51
CA VAL B 403 13.99 9.49 -22.41
C VAL B 403 13.22 9.41 -21.10
N ALA B 404 11.95 9.79 -21.14
CA ALA B 404 11.10 9.80 -19.95
C ALA B 404 11.13 8.47 -19.21
N ALA B 405 10.97 7.39 -19.95
CA ALA B 405 10.97 6.06 -19.36
C ALA B 405 12.28 5.77 -18.63
N LYS B 406 13.33 6.53 -18.93
CA LYS B 406 14.62 6.33 -18.28
C LYS B 406 14.76 7.15 -17.01
N ILE B 407 13.72 7.89 -16.64
CA ILE B 407 13.75 8.71 -15.43
C ILE B 407 13.10 7.98 -14.27
N GLU B 408 13.77 7.97 -13.12
CA GLU B 408 13.22 7.34 -11.92
C GLU B 408 12.31 8.38 -11.28
N THR B 409 11.04 8.27 -11.60
CA THR B 409 10.05 9.20 -11.09
C THR B 409 8.67 8.59 -11.31
N GLY B 410 7.66 9.18 -10.70
CA GLY B 410 6.32 8.65 -10.85
C GLY B 410 5.52 9.21 -12.02
N MET B 411 5.92 10.38 -12.51
CA MET B 411 5.21 10.99 -13.62
C MET B 411 6.15 11.79 -14.52
N SER B 412 5.82 11.84 -15.81
CA SER B 412 6.62 12.57 -16.78
C SER B 412 5.69 13.36 -17.69
N PHE B 413 5.91 14.67 -17.76
CA PHE B 413 5.09 15.52 -18.59
C PHE B 413 5.90 15.94 -19.81
N ILE B 414 5.34 15.71 -21.00
CA ILE B 414 6.02 16.04 -22.25
C ILE B 414 5.70 17.45 -22.77
N ASN B 415 6.75 18.24 -23.01
CA ASN B 415 6.59 19.59 -23.54
C ASN B 415 5.63 20.46 -22.73
N SER B 416 5.63 20.27 -21.41
CA SER B 416 4.74 21.05 -20.56
C SER B 416 5.06 20.90 -19.09
N GLY B 417 4.46 21.76 -18.28
CA GLY B 417 4.68 21.70 -16.85
C GLY B 417 3.79 20.60 -16.30
N TRP B 418 3.61 20.56 -14.99
CA TRP B 418 2.79 19.52 -14.40
C TRP B 418 1.34 19.73 -14.80
N THR B 419 0.56 18.69 -14.61
CA THR B 419 -0.86 18.71 -14.93
C THR B 419 -1.51 17.62 -14.08
N SER B 420 -2.68 17.94 -13.54
CA SER B 420 -3.41 16.95 -12.76
C SER B 420 -4.81 16.92 -13.32
N LEU B 421 -5.31 15.70 -13.51
CA LEU B 421 -6.63 15.49 -14.02
C LEU B 421 -7.19 14.28 -13.29
N PRO B 422 -8.54 14.19 -13.21
CA PRO B 422 -9.21 13.08 -12.53
C PRO B 422 -8.73 11.72 -13.01
N GLU B 423 -8.64 11.57 -14.33
CA GLU B 423 -8.24 10.30 -14.91
C GLU B 423 -6.76 9.97 -14.77
N LEU B 424 -5.92 10.97 -14.53
CA LEU B 424 -4.48 10.71 -14.41
C LEU B 424 -3.97 10.38 -13.01
N PRO B 425 -3.30 9.22 -12.86
CA PRO B 425 -2.77 8.82 -11.55
C PRO B 425 -1.67 9.78 -11.10
N PHE B 426 -1.59 10.05 -9.80
CA PHE B 426 -0.61 10.99 -9.27
C PHE B 426 0.07 10.44 -8.02
N GLY B 427 1.39 10.36 -8.06
CA GLY B 427 2.14 9.87 -6.93
C GLY B 427 3.56 9.67 -7.39
N GLY B 428 4.44 9.23 -6.50
CA GLY B 428 5.82 9.05 -6.90
C GLY B 428 6.55 7.91 -6.23
N ILE B 429 7.87 8.03 -6.16
CA ILE B 429 8.72 7.02 -5.54
C ILE B 429 9.76 7.69 -4.64
N LYS B 430 10.64 6.87 -4.07
CA LYS B 430 11.68 7.36 -3.18
C LYS B 430 11.09 8.20 -2.08
N HIS B 431 11.72 9.33 -1.79
CA HIS B 431 11.23 10.20 -0.73
C HIS B 431 10.01 11.02 -1.12
N SER B 432 9.46 10.76 -2.30
CA SER B 432 8.26 11.46 -2.74
C SER B 432 7.06 10.66 -2.29
N GLY B 433 7.31 9.54 -1.60
CA GLY B 433 6.22 8.71 -1.12
C GLY B 433 5.95 7.42 -1.87
N TYR B 434 4.72 6.93 -1.77
CA TYR B 434 4.28 5.70 -2.44
C TYR B 434 2.76 5.67 -2.47
N GLY B 435 2.21 4.97 -3.46
CA GLY B 435 0.77 4.91 -3.60
C GLY B 435 0.37 5.97 -4.62
N ARG B 436 -0.71 5.72 -5.33
CA ARG B 436 -1.17 6.65 -6.35
C ARG B 436 -2.56 7.18 -6.06
N GLU B 437 -2.76 8.48 -6.31
CA GLU B 437 -4.06 9.11 -6.10
C GLU B 437 -4.67 9.52 -7.43
N LEU B 438 -5.99 9.61 -7.47
CA LEU B 438 -6.73 9.94 -8.69
C LEU B 438 -6.70 8.76 -9.64
N SER B 439 -7.48 8.84 -10.71
CA SER B 439 -7.58 7.76 -11.68
C SER B 439 -8.24 6.57 -10.95
N GLU B 440 -8.09 5.38 -11.51
CA GLU B 440 -8.67 4.19 -10.90
C GLU B 440 -7.72 3.58 -9.87
N LEU B 441 -6.43 3.85 -10.03
CA LEU B 441 -5.46 3.33 -9.08
C LEU B 441 -5.66 4.01 -7.73
N GLY B 442 -6.14 5.25 -7.77
CA GLY B 442 -6.36 5.99 -6.55
C GLY B 442 -7.67 5.60 -5.90
N PHE B 443 -8.59 5.10 -6.70
CA PHE B 443 -9.90 4.68 -6.23
C PHE B 443 -9.85 3.46 -5.31
N THR B 444 -8.92 2.54 -5.59
CA THR B 444 -8.81 1.33 -4.81
C THR B 444 -7.85 1.34 -3.61
N SER B 445 -7.14 2.43 -3.38
CA SER B 445 -6.20 2.48 -2.25
C SER B 445 -6.74 1.89 -0.94
N PHE B 446 -7.99 2.21 -0.60
CA PHE B 446 -8.60 1.71 0.63
C PHE B 446 -9.85 0.88 0.37
N VAL B 447 -9.81 0.13 -0.73
CA VAL B 447 -10.89 -0.75 -1.13
C VAL B 447 -10.47 -2.16 -0.73
N ASN B 448 -11.43 -2.97 -0.32
CA ASN B 448 -11.15 -4.34 0.06
C ASN B 448 -11.47 -5.26 -1.12
N GLU B 449 -10.43 -5.77 -1.79
CA GLU B 449 -10.63 -6.69 -2.89
C GLU B 449 -11.05 -7.98 -2.21
N HIS B 450 -12.34 -8.27 -2.27
CA HIS B 450 -12.87 -9.45 -1.63
C HIS B 450 -13.06 -10.58 -2.64
N LEU B 451 -12.18 -11.57 -2.56
CA LEU B 451 -12.22 -12.72 -3.47
C LEU B 451 -13.30 -13.73 -3.12
N ILE B 452 -14.07 -14.11 -4.14
CA ILE B 452 -15.12 -15.11 -3.97
C ILE B 452 -14.66 -16.23 -4.90
N TYR B 453 -14.33 -17.38 -4.31
CA TYR B 453 -13.87 -18.50 -5.11
C TYR B 453 -14.80 -19.72 -5.00
N ILE B 454 -15.15 -20.27 -6.15
CA ILE B 454 -16.02 -21.43 -6.23
C ILE B 454 -15.36 -22.49 -7.09
N PRO B 455 -14.77 -23.52 -6.47
CA PRO B 455 -14.12 -24.59 -7.24
C PRO B 455 -15.16 -25.54 -7.86
N ASN B 456 -14.70 -26.47 -8.69
CA ASN B 456 -15.61 -27.42 -9.35
C ASN B 456 -15.77 -28.74 -8.60
C1 SSN C . -1.32 -19.40 5.19
O1 SSN C . -2.38 -19.75 4.57
C2 SSN C . -0.35 -18.40 4.60
O2 SSN C . -1.08 -19.89 6.30
C3 SSN C . -0.21 -17.16 5.48
C4 SSN C . -0.64 -15.95 4.67
O4 SSN C . -1.27 -15.01 5.15
S SO4 D . 11.67 -15.89 13.86
O1 SO4 D . 11.07 -15.48 12.57
O2 SO4 D . 13.14 -15.77 13.81
O3 SO4 D . 11.28 -17.28 14.14
O4 SO4 D . 11.15 -15.00 14.91
S SO4 E . 7.45 -31.32 23.70
O1 SO4 E . 8.79 -31.45 24.31
O2 SO4 E . 7.29 -29.94 23.21
O3 SO4 E . 6.41 -31.61 24.70
O4 SO4 E . 7.32 -32.27 22.58
C1 SSN F . 1.40 19.16 -6.09
O1 SSN F . 2.48 18.96 -6.70
C2 SSN F . 1.38 19.32 -4.59
O2 SSN F . 0.32 19.22 -6.74
C3 SSN F . 0.45 18.28 -4.01
C4 SSN F . 1.21 17.16 -3.31
O4 SSN F . 0.94 16.00 -3.57
S SO4 G . 0.55 21.73 10.07
O1 SO4 G . -0.23 22.92 10.44
O2 SO4 G . 1.11 21.91 8.72
O3 SO4 G . -0.32 20.54 10.10
O4 SO4 G . 1.65 21.56 11.04
S SO4 H . 7.51 38.59 6.52
O1 SO4 H . 8.70 39.14 5.84
O2 SO4 H . 6.30 39.22 5.94
O3 SO4 H . 7.59 38.87 7.96
O4 SO4 H . 7.45 37.13 6.31
#